data_7BIP
#
_entry.id   7BIP
#
_cell.length_a   50.912
_cell.length_b   81.962
_cell.length_c   160.624
_cell.angle_alpha   90.000
_cell.angle_beta   90.000
_cell.angle_gamma   90.000
#
_symmetry.space_group_name_H-M   'P 21 21 21'
#
loop_
_entity.id
_entity.type
_entity.pdbx_description
1 polymer 'Luciferase-like monooxygenase'
2 non-polymer 'CALCIUM ION'
3 non-polymer DI(HYDROXYETHYL)ETHER
4 non-polymer 1,2-ETHANEDIOL
5 non-polymer '4-(2-HYDROXYETHYL)-1-PIPERAZINE ETHANESULFONIC ACID'
6 non-polymer 3,6,9,12,15,18,21,24,27-NONAOXANONACOSANE-1,29-DIOL
7 non-polymer 'TETRAETHYLENE GLYCOL'
8 water water
#
_entity_poly.entity_id   1
_entity_poly.type   'polypeptide(L)'
_entity_poly.pdbx_seq_one_letter_code
;MKFGINLFPTVGPAEKSAGQHFEESLRLAELADELGFHHVKTVEHYFHEYGGYSPDPVTFLAAAAARTRRVRLVTGAVLP
VFTHPLKLAGKLAMLDNISQGRLDVGFGRAFLPDEFTAFEISMDESRARFDEGVEAVRRLWAEEDVVWEGTFHRFGPVTM
LPRTWQRPHPRILVATAKTPASAEAAARAGHGVMLVPSINPREQVQKTLSLYRDAASAAGFKPTEEDIHMSYNCYLAEDG
QEARQKGGQASERANRALASAVSAWRETRSADYPGYEKIVEKAGRGDFDRAVAERKALVGTPDEVRAAIDDIRGWFGDFT
ISLQVISGAMPFEESARTMRLFAEHLLPHYAAND
;
_entity_poly.pdbx_strand_id   A,B
#
# COMPACT_ATOMS: atom_id res chain seq x y z
N MET A 1 -15.68 19.68 -17.92
CA MET A 1 -15.88 18.86 -16.72
C MET A 1 -15.23 17.50 -16.87
N LYS A 2 -14.70 16.97 -15.77
CA LYS A 2 -14.29 15.57 -15.69
C LYS A 2 -15.07 14.89 -14.57
N PHE A 3 -15.33 13.59 -14.73
CA PHE A 3 -16.10 12.83 -13.74
C PHE A 3 -15.41 11.52 -13.44
N GLY A 4 -15.05 11.32 -12.17
CA GLY A 4 -14.59 10.04 -11.70
C GLY A 4 -15.46 9.54 -10.57
N ILE A 5 -15.06 8.46 -9.91
CA ILE A 5 -15.84 7.95 -8.81
C ILE A 5 -15.00 8.00 -7.55
N ASN A 6 -15.67 8.21 -6.42
CA ASN A 6 -15.06 8.22 -5.10
C ASN A 6 -15.62 7.02 -4.35
N LEU A 7 -14.74 6.31 -3.65
CA LEU A 7 -15.11 5.09 -2.93
C LEU A 7 -14.81 5.32 -1.45
N PHE A 8 -15.65 6.15 -0.83
CA PHE A 8 -15.52 6.51 0.57
C PHE A 8 -16.35 5.53 1.38
N PRO A 9 -15.75 4.64 2.19
CA PRO A 9 -16.55 3.68 2.96
C PRO A 9 -17.18 4.33 4.19
N THR A 10 -18.49 4.15 4.33
CA THR A 10 -19.23 4.54 5.54
C THR A 10 -19.99 3.29 5.93
N VAL A 11 -19.29 2.36 6.60
CA VAL A 11 -19.80 1.02 6.80
C VAL A 11 -18.99 0.38 7.91
N GLY A 12 -19.63 -0.49 8.69
CA GLY A 12 -18.97 -1.25 9.71
C GLY A 12 -19.26 -2.72 9.54
N PRO A 13 -18.58 -3.56 10.32
CA PRO A 13 -18.65 -5.02 10.07
C PRO A 13 -20.04 -5.60 10.23
N ALA A 14 -20.93 -4.97 11.00
CA ALA A 14 -22.28 -5.48 11.11
C ALA A 14 -23.10 -5.26 9.85
N GLU A 15 -22.72 -4.29 9.01
CA GLU A 15 -23.43 -4.05 7.76
C GLU A 15 -22.82 -4.79 6.58
N LYS A 16 -21.49 -4.83 6.48
CA LYS A 16 -20.81 -5.43 5.35
C LYS A 16 -19.41 -5.82 5.79
N SER A 17 -19.03 -7.07 5.53
CA SER A 17 -17.67 -7.47 5.84
C SER A 17 -16.70 -6.66 5.00
N ALA A 18 -15.48 -6.50 5.52
CA ALA A 18 -14.44 -5.87 4.72
C ALA A 18 -14.13 -6.69 3.48
N GLY A 19 -14.24 -8.02 3.56
CA GLY A 19 -14.00 -8.82 2.38
C GLY A 19 -14.96 -8.48 1.25
N GLN A 20 -16.24 -8.39 1.59
CA GLN A 20 -17.21 -8.01 0.56
C GLN A 20 -16.98 -6.58 0.09
N HIS A 21 -16.71 -5.65 1.02
CA HIS A 21 -16.46 -4.27 0.65
C HIS A 21 -15.34 -4.15 -0.37
N PHE A 22 -14.24 -4.85 -0.14
CA PHE A 22 -13.10 -4.64 -1.04
C PHE A 22 -13.31 -5.32 -2.38
N GLU A 23 -13.96 -6.49 -2.40
CA GLU A 23 -14.26 -7.10 -3.70
C GLU A 23 -15.17 -6.20 -4.51
N GLU A 24 -16.19 -5.62 -3.86
CA GLU A 24 -17.12 -4.76 -4.57
C GLU A 24 -16.45 -3.48 -5.02
N SER A 25 -15.61 -2.88 -4.16
CA SER A 25 -14.96 -1.63 -4.55
C SER A 25 -14.01 -1.84 -5.72
N LEU A 26 -13.26 -2.94 -5.74
CA LEU A 26 -12.38 -3.19 -6.88
C LEU A 26 -13.18 -3.41 -8.15
N ARG A 27 -14.34 -4.06 -8.05
CA ARG A 27 -15.17 -4.23 -9.25
C ARG A 27 -15.73 -2.90 -9.74
N LEU A 28 -16.08 -1.99 -8.82
CA LEU A 28 -16.51 -0.66 -9.25
C LEU A 28 -15.36 0.12 -9.91
N ALA A 29 -14.15 -0.05 -9.40
CA ALA A 29 -12.98 0.53 -10.07
C ALA A 29 -12.82 -0.02 -11.48
N GLU A 30 -13.02 -1.33 -11.66
CA GLU A 30 -13.01 -1.93 -13.01
C GLU A 30 -14.11 -1.35 -13.88
N LEU A 31 -15.31 -1.19 -13.31
CA LEU A 31 -16.40 -0.60 -14.09
C LEU A 31 -16.10 0.85 -14.47
N ALA A 32 -15.48 1.61 -13.56
CA ALA A 32 -15.04 2.97 -13.92
C ALA A 32 -14.12 2.92 -15.14
N ASP A 33 -13.16 2.00 -15.13
CA ASP A 33 -12.26 1.81 -16.26
C ASP A 33 -13.04 1.50 -17.55
N GLU A 34 -13.95 0.52 -17.48
CA GLU A 34 -14.64 0.06 -18.67
C GLU A 34 -15.56 1.13 -19.24
N LEU A 35 -16.24 1.88 -18.37
CA LEU A 35 -17.26 2.83 -18.80
C LEU A 35 -16.69 4.18 -19.21
N GLY A 36 -15.40 4.44 -18.99
CA GLY A 36 -14.79 5.67 -19.45
C GLY A 36 -14.76 6.80 -18.45
N PHE A 37 -14.91 6.50 -17.16
CA PHE A 37 -14.77 7.52 -16.14
C PHE A 37 -13.31 8.00 -16.05
N HIS A 38 -13.14 9.18 -15.46
CA HIS A 38 -11.84 9.84 -15.46
C HIS A 38 -10.89 9.26 -14.41
N HIS A 39 -11.41 8.91 -13.23
CA HIS A 39 -10.54 8.51 -12.13
C HIS A 39 -11.31 7.65 -11.13
N VAL A 40 -10.54 7.02 -10.22
CA VAL A 40 -11.04 6.35 -9.03
C VAL A 40 -10.34 7.00 -7.83
N LYS A 41 -11.13 7.46 -6.86
CA LYS A 41 -10.60 8.15 -5.69
C LYS A 41 -10.97 7.35 -4.43
N THR A 42 -10.12 7.41 -3.41
CA THR A 42 -10.56 6.94 -2.09
C THR A 42 -9.85 7.77 -1.03
N VAL A 43 -10.13 7.43 0.24
CA VAL A 43 -9.87 8.33 1.36
C VAL A 43 -8.94 7.66 2.37
N GLU A 44 -8.53 8.44 3.38
CA GLU A 44 -7.77 7.92 4.53
C GLU A 44 -8.50 8.30 5.81
N HIS A 45 -8.89 7.29 6.59
CA HIS A 45 -9.51 7.51 7.89
C HIS A 45 -9.26 6.30 8.78
N TYR A 46 -9.36 6.53 10.10
CA TYR A 46 -9.05 5.49 11.09
C TYR A 46 -10.19 5.30 12.09
N PHE A 47 -10.45 4.03 12.42
CA PHE A 47 -11.14 3.57 13.63
C PHE A 47 -12.67 3.54 13.58
N HIS A 48 -13.29 4.41 12.79
CA HIS A 48 -14.73 4.58 12.83
C HIS A 48 -15.36 4.07 11.55
N GLU A 49 -16.65 3.74 11.62
CA GLU A 49 -17.36 3.37 10.40
C GLU A 49 -17.26 4.45 9.33
N TYR A 50 -17.16 5.71 9.74
CA TYR A 50 -16.89 6.82 8.82
C TYR A 50 -15.45 6.75 8.30
N GLY A 51 -15.26 6.08 7.15
CA GLY A 51 -13.98 6.06 6.48
C GLY A 51 -13.03 4.98 6.93
N GLY A 52 -13.30 4.28 8.04
CA GLY A 52 -12.28 3.50 8.72
C GLY A 52 -11.86 2.22 8.02
N TYR A 53 -12.66 1.72 7.07
CA TYR A 53 -12.18 0.63 6.22
C TYR A 53 -11.03 1.05 5.34
N SER A 54 -10.70 2.34 5.28
CA SER A 54 -9.60 2.79 4.44
C SER A 54 -8.56 3.58 5.24
N PRO A 55 -7.80 2.91 6.12
CA PRO A 55 -6.70 3.60 6.81
C PRO A 55 -5.51 3.90 5.91
N ASP A 56 -5.44 3.31 4.72
CA ASP A 56 -4.30 3.51 3.82
C ASP A 56 -4.81 3.49 2.37
N PRO A 57 -5.15 4.66 1.82
CA PRO A 57 -5.69 4.69 0.45
C PRO A 57 -4.73 4.14 -0.58
N VAL A 58 -3.42 4.29 -0.37
CA VAL A 58 -2.46 3.79 -1.35
C VAL A 58 -2.61 2.28 -1.53
N THR A 59 -2.91 1.54 -0.43
CA THR A 59 -3.04 0.09 -0.53
C THR A 59 -4.21 -0.30 -1.43
N PHE A 60 -5.36 0.37 -1.26
CA PHE A 60 -6.47 0.12 -2.18
C PHE A 60 -6.13 0.57 -3.59
N LEU A 61 -5.58 1.77 -3.75
CA LEU A 61 -5.36 2.30 -5.09
C LEU A 61 -4.32 1.48 -5.87
N ALA A 62 -3.36 0.83 -5.20
CA ALA A 62 -2.44 -0.04 -5.93
C ALA A 62 -3.16 -1.25 -6.49
N ALA A 63 -4.08 -1.82 -5.71
CA ALA A 63 -4.92 -2.90 -6.23
C ALA A 63 -5.80 -2.41 -7.38
N ALA A 64 -6.47 -1.26 -7.19
CA ALA A 64 -7.29 -0.70 -8.26
C ALA A 64 -6.46 -0.44 -9.52
N ALA A 65 -5.27 0.12 -9.36
CA ALA A 65 -4.39 0.34 -10.51
C ALA A 65 -4.12 -0.96 -11.26
N ALA A 66 -3.82 -2.02 -10.50
CA ALA A 66 -3.47 -3.29 -11.13
C ALA A 66 -4.65 -3.91 -11.87
N ARG A 67 -5.89 -3.59 -11.46
CA ARG A 67 -7.09 -4.09 -12.13
C ARG A 67 -7.52 -3.25 -13.33
N THR A 68 -6.87 -2.11 -13.60
CA THR A 68 -7.36 -1.15 -14.58
C THR A 68 -6.23 -0.75 -15.53
N ARG A 69 -6.61 -0.09 -16.63
CA ARG A 69 -5.63 0.36 -17.60
C ARG A 69 -5.64 1.85 -17.87
N ARG A 70 -6.78 2.55 -17.75
CA ARG A 70 -6.78 3.95 -18.20
C ARG A 70 -7.27 4.93 -17.14
N VAL A 71 -8.15 4.49 -16.24
CA VAL A 71 -8.66 5.37 -15.20
C VAL A 71 -7.51 5.90 -14.33
N ARG A 72 -7.57 7.17 -13.98
CA ARG A 72 -6.55 7.69 -13.05
C ARG A 72 -6.87 7.24 -11.63
N LEU A 73 -5.85 7.29 -10.76
CA LEU A 73 -5.99 6.93 -9.35
C LEU A 73 -5.69 8.17 -8.52
N VAL A 74 -6.59 8.52 -7.60
CA VAL A 74 -6.46 9.78 -6.86
C VAL A 74 -6.62 9.55 -5.37
N THR A 75 -5.68 10.06 -4.58
CA THR A 75 -5.88 10.07 -3.13
C THR A 75 -6.73 11.28 -2.75
N GLY A 76 -7.81 11.04 -2.01
CA GLY A 76 -8.66 12.11 -1.54
C GLY A 76 -9.05 11.89 -0.09
N ALA A 77 -8.12 12.04 0.86
CA ALA A 77 -6.76 12.55 0.62
C ALA A 77 -5.81 11.88 1.60
N VAL A 78 -4.52 11.76 1.26
CA VAL A 78 -3.57 11.28 2.24
C VAL A 78 -3.44 12.32 3.35
N LEU A 79 -3.14 11.86 4.56
CA LEU A 79 -3.03 12.74 5.72
C LEU A 79 -1.57 12.84 6.16
N PRO A 80 -0.82 13.83 5.68
CA PRO A 80 0.61 13.89 6.03
C PRO A 80 0.86 13.98 7.54
N VAL A 81 -0.10 14.49 8.31
CA VAL A 81 0.09 14.63 9.75
C VAL A 81 0.36 13.29 10.43
N PHE A 82 -0.11 12.18 9.85
CA PHE A 82 -0.06 10.89 10.53
C PHE A 82 0.96 9.95 9.93
N THR A 83 1.84 10.44 9.07
CA THR A 83 2.84 9.57 8.51
C THR A 83 4.17 10.31 8.53
N HIS A 84 5.19 9.67 8.02
CA HIS A 84 6.50 10.23 7.82
C HIS A 84 6.68 10.54 6.34
N PRO A 85 7.21 11.71 5.97
CA PRO A 85 7.32 12.03 4.54
C PRO A 85 8.16 11.06 3.74
N LEU A 86 9.17 10.43 4.36
CA LEU A 86 9.95 9.43 3.62
C LEU A 86 9.05 8.29 3.18
N LYS A 87 8.19 7.82 4.07
CA LYS A 87 7.29 6.72 3.76
C LYS A 87 6.22 7.14 2.75
N LEU A 88 5.63 8.31 2.96
CA LEU A 88 4.60 8.80 2.06
C LEU A 88 5.16 9.00 0.66
N ALA A 89 6.31 9.66 0.55
CA ALA A 89 6.91 9.85 -0.77
C ALA A 89 7.23 8.51 -1.42
N GLY A 90 7.77 7.57 -0.64
CA GLY A 90 8.17 6.29 -1.20
C GLY A 90 7.01 5.46 -1.69
N LYS A 91 5.95 5.31 -0.87
CA LYS A 91 4.84 4.46 -1.31
C LYS A 91 4.10 5.10 -2.47
N LEU A 92 4.01 6.42 -2.50
CA LEU A 92 3.33 7.07 -3.63
C LEU A 92 4.15 6.96 -4.91
N ALA A 93 5.49 7.01 -4.79
CA ALA A 93 6.33 6.79 -5.97
C ALA A 93 6.18 5.36 -6.49
N MET A 94 6.10 4.37 -5.60
CA MET A 94 5.83 3.00 -6.06
C MET A 94 4.50 2.94 -6.82
N LEU A 95 3.47 3.56 -6.27
CA LEU A 95 2.15 3.52 -6.89
C LEU A 95 2.16 4.23 -8.25
N ASP A 96 2.86 5.36 -8.35
CA ASP A 96 2.99 6.04 -9.64
C ASP A 96 3.55 5.09 -10.70
N ASN A 97 4.61 4.37 -10.34
CA ASN A 97 5.23 3.45 -11.30
C ASN A 97 4.34 2.24 -11.58
N ILE A 98 3.72 1.66 -10.55
CA ILE A 98 2.83 0.52 -10.76
C ILE A 98 1.69 0.89 -11.70
N SER A 99 1.14 2.10 -11.53
CA SER A 99 0.03 2.57 -12.34
C SER A 99 0.46 3.17 -13.67
N GLN A 100 1.76 3.20 -13.97
CA GLN A 100 2.30 3.76 -15.22
C GLN A 100 1.83 5.20 -15.44
N GLY A 101 1.98 6.00 -14.38
CA GLY A 101 1.80 7.44 -14.48
C GLY A 101 0.38 7.95 -14.35
N ARG A 102 -0.51 7.19 -13.70
CA ARG A 102 -1.93 7.56 -13.62
C ARG A 102 -2.31 8.16 -12.27
N LEU A 103 -1.34 8.45 -11.40
CA LEU A 103 -1.61 8.87 -10.03
C LEU A 103 -1.69 10.40 -9.93
N ASP A 104 -2.71 10.88 -9.21
CA ASP A 104 -2.79 12.26 -8.73
C ASP A 104 -2.92 12.21 -7.21
N VAL A 105 -2.19 13.08 -6.51
CA VAL A 105 -2.07 12.96 -5.05
C VAL A 105 -2.72 14.16 -4.39
N GLY A 106 -3.91 13.94 -3.81
CA GLY A 106 -4.49 14.91 -2.90
C GLY A 106 -3.98 14.68 -1.48
N PHE A 107 -3.63 15.79 -0.83
CA PHE A 107 -3.21 15.83 0.58
C PHE A 107 -4.25 16.62 1.36
N GLY A 108 -4.65 16.12 2.54
CA GLY A 108 -5.69 16.76 3.30
C GLY A 108 -5.33 16.93 4.77
N ARG A 109 -6.13 17.76 5.45
CA ARG A 109 -6.01 17.95 6.88
C ARG A 109 -6.88 16.95 7.62
N ALA A 110 -6.39 16.48 8.76
CA ALA A 110 -7.22 15.62 9.58
C ALA A 110 -8.17 16.47 10.43
N PHE A 111 -9.27 15.85 10.84
CA PHE A 111 -10.19 16.55 11.73
C PHE A 111 -10.88 15.66 12.76
N LEU A 112 -10.80 14.34 12.66
CA LEU A 112 -11.44 13.48 13.65
C LEU A 112 -10.63 13.49 14.93
N PRO A 113 -11.20 13.87 16.06
CA PRO A 113 -10.39 13.96 17.30
C PRO A 113 -9.74 12.65 17.71
N ASP A 114 -10.43 11.52 17.54
CA ASP A 114 -9.84 10.24 17.94
C ASP A 114 -8.60 9.90 17.10
N GLU A 115 -8.55 10.35 15.84
CA GLU A 115 -7.34 10.12 15.05
C GLU A 115 -6.15 10.84 15.67
N PHE A 116 -6.32 12.12 16.04
CA PHE A 116 -5.23 12.86 16.68
C PHE A 116 -4.83 12.23 18.00
N THR A 117 -5.81 11.84 18.81
CA THR A 117 -5.51 11.30 20.14
C THR A 117 -4.74 10.00 20.02
N ALA A 118 -5.17 9.12 19.12
CA ALA A 118 -4.55 7.79 19.02
C ALA A 118 -3.12 7.89 18.52
N PHE A 119 -2.84 8.79 17.59
CA PHE A 119 -1.48 8.95 17.11
C PHE A 119 -0.65 9.89 17.99
N GLU A 120 -1.26 10.41 19.06
CA GLU A 120 -0.56 11.26 20.03
C GLU A 120 0.03 12.49 19.34
N ILE A 121 -0.75 13.09 18.45
CA ILE A 121 -0.37 14.31 17.76
C ILE A 121 -1.34 15.41 18.16
N SER A 122 -0.80 16.59 18.43
CA SER A 122 -1.65 17.71 18.80
C SER A 122 -2.27 18.35 17.57
N MET A 123 -3.52 18.81 17.72
CA MET A 123 -4.11 19.66 16.69
C MET A 123 -3.39 21.00 16.59
N ASP A 124 -2.72 21.43 17.67
CA ASP A 124 -2.16 22.78 17.74
C ASP A 124 -1.23 23.10 16.57
N GLU A 125 -0.32 22.19 16.23
CA GLU A 125 0.59 22.44 15.12
C GLU A 125 0.27 21.60 13.90
N SER A 126 -0.94 21.06 13.80
CA SER A 126 -1.26 20.21 12.66
C SER A 126 -1.11 20.96 11.34
N ARG A 127 -1.36 22.27 11.33
CA ARG A 127 -1.19 23.02 10.08
C ARG A 127 0.27 23.05 9.65
N ALA A 128 1.19 23.27 10.59
CA ALA A 128 2.60 23.21 10.23
C ALA A 128 3.02 21.81 9.82
N ARG A 129 2.50 20.78 10.51
CA ARG A 129 2.81 19.41 10.11
C ARG A 129 2.32 19.13 8.70
N PHE A 130 1.15 19.66 8.34
CA PHE A 130 0.60 19.44 7.01
C PHE A 130 1.46 20.11 5.94
N ASP A 131 1.73 21.42 6.11
CA ASP A 131 2.49 22.14 5.10
C ASP A 131 3.90 21.55 4.95
N GLU A 132 4.55 21.22 6.08
CA GLU A 132 5.88 20.64 5.98
C GLU A 132 5.85 19.23 5.41
N GLY A 133 4.79 18.47 5.67
CA GLY A 133 4.68 17.14 5.08
C GLY A 133 4.52 17.20 3.58
N VAL A 134 3.68 18.11 3.08
CA VAL A 134 3.50 18.25 1.64
C VAL A 134 4.81 18.66 0.98
N GLU A 135 5.47 19.66 1.54
CA GLU A 135 6.69 20.16 0.90
C GLU A 135 7.81 19.15 0.97
N ALA A 136 7.96 18.44 2.09
CA ALA A 136 9.01 17.43 2.18
C ALA A 136 8.80 16.34 1.15
N VAL A 137 7.55 15.90 0.97
CA VAL A 137 7.25 14.88 -0.05
C VAL A 137 7.57 15.41 -1.44
N ARG A 138 7.12 16.63 -1.74
CA ARG A 138 7.42 17.23 -3.04
C ARG A 138 8.92 17.28 -3.28
N ARG A 139 9.71 17.65 -2.26
CA ARG A 139 11.15 17.72 -2.43
C ARG A 139 11.76 16.34 -2.65
N LEU A 140 11.29 15.33 -1.88
CA LEU A 140 11.79 13.97 -2.08
C LEU A 140 11.52 13.47 -3.49
N TRP A 141 10.41 13.91 -4.10
CA TRP A 141 10.13 13.51 -5.48
C TRP A 141 10.94 14.32 -6.49
N ALA A 142 11.08 15.62 -6.26
CA ALA A 142 11.60 16.52 -7.28
C ALA A 142 13.11 16.64 -7.28
N GLU A 143 13.77 16.32 -6.16
CA GLU A 143 15.18 16.64 -5.96
C GLU A 143 15.93 15.41 -5.45
N GLU A 144 17.26 15.55 -5.46
CA GLU A 144 18.18 14.54 -4.96
C GLU A 144 19.11 15.20 -3.95
N ASP A 145 19.79 14.37 -3.16
CA ASP A 145 20.63 14.88 -2.05
C ASP A 145 19.83 15.82 -1.15
N VAL A 146 18.57 15.44 -0.90
CA VAL A 146 17.66 16.32 -0.18
C VAL A 146 18.10 16.42 1.27
N VAL A 147 18.29 17.65 1.75
CA VAL A 147 18.56 17.91 3.14
C VAL A 147 17.33 18.62 3.69
N TRP A 148 16.57 17.92 4.52
CA TRP A 148 15.31 18.43 5.06
C TRP A 148 15.50 18.66 6.55
N GLU A 149 15.48 19.92 6.96
CA GLU A 149 15.73 20.30 8.34
C GLU A 149 14.42 20.72 8.99
N GLY A 150 13.47 19.80 8.99
CA GLY A 150 12.11 20.17 9.30
C GLY A 150 11.83 20.32 10.79
N THR A 151 10.71 20.98 11.05
CA THR A 151 10.22 21.13 12.42
C THR A 151 9.92 19.76 13.03
N PHE A 152 9.49 18.82 12.21
CA PHE A 152 9.03 17.53 12.70
C PHE A 152 9.92 16.37 12.28
N HIS A 153 10.60 16.47 11.14
CA HIS A 153 11.52 15.43 10.72
C HIS A 153 12.76 16.06 10.13
N ARG A 154 13.94 15.48 10.43
CA ARG A 154 15.20 15.95 9.89
C ARG A 154 15.94 14.78 9.26
N PHE A 155 16.35 14.94 8.00
CA PHE A 155 17.03 13.84 7.34
C PHE A 155 17.79 14.40 6.15
N GLY A 156 18.73 13.62 5.65
CA GLY A 156 19.42 13.98 4.44
C GLY A 156 20.86 14.36 4.68
N PRO A 157 21.67 14.44 3.60
CA PRO A 157 21.21 14.25 2.21
C PRO A 157 20.82 12.81 1.87
N VAL A 158 19.63 12.65 1.28
CA VAL A 158 19.13 11.35 0.83
C VAL A 158 18.47 11.56 -0.52
N THR A 159 18.36 10.47 -1.28
CA THR A 159 17.58 10.47 -2.52
C THR A 159 16.60 9.32 -2.45
N MET A 160 15.31 9.65 -2.51
CA MET A 160 14.25 8.67 -2.35
C MET A 160 14.07 7.85 -3.62
N LEU A 161 14.06 6.54 -3.47
CA LEU A 161 13.71 5.61 -4.52
C LEU A 161 12.38 4.96 -4.20
N PRO A 162 11.65 4.47 -5.21
CA PRO A 162 11.94 4.69 -6.63
C PRO A 162 11.68 6.14 -7.01
N ARG A 163 12.34 6.63 -8.04
CA ARG A 163 11.92 7.92 -8.57
C ARG A 163 10.53 7.78 -9.17
N THR A 164 9.80 8.89 -9.21
CA THR A 164 8.44 8.80 -9.75
C THR A 164 8.46 8.57 -11.26
N TRP A 165 7.33 8.07 -11.76
CA TRP A 165 7.13 7.92 -13.19
C TRP A 165 6.88 9.27 -13.84
N GLN A 166 5.94 10.03 -13.28
CA GLN A 166 5.59 11.33 -13.84
C GLN A 166 6.65 12.37 -13.54
N ARG A 167 6.73 13.39 -14.39
CA ARG A 167 7.74 14.42 -14.28
C ARG A 167 7.09 15.79 -14.14
N PRO A 168 7.42 16.56 -13.09
CA PRO A 168 8.44 16.24 -12.10
C PRO A 168 8.00 15.19 -11.06
N HIS A 169 6.70 14.96 -10.99
CA HIS A 169 6.07 14.10 -9.99
C HIS A 169 4.57 14.11 -10.24
N PRO A 170 3.80 13.25 -9.59
CA PRO A 170 2.34 13.34 -9.72
C PRO A 170 1.83 14.72 -9.34
N ARG A 171 0.71 15.11 -9.96
CA ARG A 171 0.01 16.33 -9.59
C ARG A 171 -0.24 16.34 -8.09
N ILE A 172 -0.02 17.50 -7.45
CA ILE A 172 -0.28 17.69 -6.03
C ILE A 172 -1.52 18.56 -5.88
N LEU A 173 -2.50 18.06 -5.13
CA LEU A 173 -3.68 18.85 -4.79
C LEU A 173 -3.79 18.98 -3.29
N VAL A 174 -4.23 20.13 -2.81
CA VAL A 174 -4.35 20.40 -1.38
C VAL A 174 -5.83 20.56 -1.06
N ALA A 175 -6.32 19.75 -0.13
CA ALA A 175 -7.73 19.78 0.22
C ALA A 175 -7.98 20.94 1.17
N THR A 176 -9.00 21.73 0.88
CA THR A 176 -9.43 22.76 1.82
C THR A 176 -10.95 22.76 1.90
N ALA A 177 -11.45 22.46 3.10
CA ALA A 177 -12.81 22.78 3.51
C ALA A 177 -12.84 23.94 4.49
N LYS A 178 -11.65 24.46 4.85
CA LYS A 178 -11.43 25.17 6.10
C LYS A 178 -11.50 26.67 5.90
N THR A 179 -10.54 27.19 5.14
CA THR A 179 -10.09 28.56 5.05
C THR A 179 -9.77 28.87 3.59
N PRO A 180 -10.35 29.90 2.98
CA PRO A 180 -9.92 30.28 1.63
C PRO A 180 -8.44 30.65 1.54
N ALA A 181 -7.81 31.02 2.67
CA ALA A 181 -6.39 31.35 2.65
C ALA A 181 -5.53 30.14 2.29
N SER A 182 -5.95 28.94 2.68
CA SER A 182 -5.20 27.76 2.29
C SER A 182 -5.29 27.51 0.79
N ALA A 183 -6.38 27.96 0.16
CA ALA A 183 -6.48 27.86 -1.29
C ALA A 183 -5.53 28.83 -1.98
N GLU A 184 -5.37 30.02 -1.41
CA GLU A 184 -4.39 30.97 -1.93
C GLU A 184 -2.97 30.41 -1.84
N ALA A 185 -2.63 29.77 -0.72
CA ALA A 185 -1.29 29.22 -0.55
C ALA A 185 -1.04 28.09 -1.53
N ALA A 186 -2.06 27.28 -1.83
CA ALA A 186 -1.90 26.21 -2.80
C ALA A 186 -1.55 26.77 -4.17
N ALA A 187 -2.30 27.80 -4.61
CA ALA A 187 -2.00 28.40 -5.90
C ALA A 187 -0.60 29.00 -5.91
N ARG A 188 -0.22 29.68 -4.82
CA ARG A 188 1.13 30.24 -4.72
C ARG A 188 2.19 29.16 -4.91
N ALA A 189 1.90 27.94 -4.45
CA ALA A 189 2.83 26.83 -4.56
C ALA A 189 2.67 26.04 -5.85
N GLY A 190 1.73 26.46 -6.72
CA GLY A 190 1.46 25.72 -7.94
C GLY A 190 0.64 24.47 -7.76
N HIS A 191 0.00 24.30 -6.61
CA HIS A 191 -0.75 23.08 -6.34
C HIS A 191 -2.18 23.21 -6.84
N GLY A 192 -2.80 22.06 -7.05
CA GLY A 192 -4.24 22.01 -7.23
C GLY A 192 -4.96 22.15 -5.91
N VAL A 193 -6.29 22.11 -5.97
CA VAL A 193 -7.10 22.32 -4.78
C VAL A 193 -8.29 21.36 -4.79
N MET A 194 -8.69 20.91 -3.60
CA MET A 194 -9.88 20.10 -3.43
C MET A 194 -10.83 20.84 -2.51
N LEU A 195 -12.03 21.14 -3.00
CA LEU A 195 -13.02 21.90 -2.26
C LEU A 195 -14.17 21.01 -1.83
N VAL A 196 -15.00 21.52 -0.92
CA VAL A 196 -16.06 20.71 -0.31
C VAL A 196 -17.40 21.43 -0.46
N PRO A 197 -18.03 21.33 -1.63
CA PRO A 197 -19.27 22.09 -1.86
C PRO A 197 -20.44 21.58 -1.05
N SER A 198 -20.39 20.33 -0.58
CA SER A 198 -21.53 19.73 0.09
C SER A 198 -21.75 20.29 1.49
N ILE A 199 -20.79 21.04 2.03
CA ILE A 199 -20.95 21.63 3.37
C ILE A 199 -20.90 23.15 3.27
N ASN A 200 -20.29 23.66 2.22
CA ASN A 200 -20.12 25.10 2.16
C ASN A 200 -21.17 25.75 1.27
N PRO A 201 -21.54 26.99 1.55
CA PRO A 201 -22.50 27.68 0.67
C PRO A 201 -21.91 27.91 -0.71
N ARG A 202 -22.80 27.95 -1.70
CA ARG A 202 -22.39 28.13 -3.10
C ARG A 202 -21.49 29.35 -3.27
N GLU A 203 -21.89 30.49 -2.71
CA GLU A 203 -21.12 31.71 -2.88
C GLU A 203 -19.76 31.62 -2.19
N GLN A 204 -19.64 30.79 -1.14
CA GLN A 204 -18.34 30.64 -0.49
C GLN A 204 -17.38 29.84 -1.35
N VAL A 205 -17.86 28.75 -1.97
CA VAL A 205 -17.02 27.99 -2.88
C VAL A 205 -16.58 28.85 -4.05
N GLN A 206 -17.49 29.69 -4.55
CA GLN A 206 -17.17 30.57 -5.67
C GLN A 206 -16.07 31.55 -5.30
N LYS A 207 -16.13 32.11 -4.10
CA LYS A 207 -15.12 33.11 -3.72
C LYS A 207 -13.77 32.44 -3.46
N THR A 208 -13.79 31.22 -2.92
CA THR A 208 -12.55 30.44 -2.80
C THR A 208 -11.95 30.17 -4.17
N LEU A 209 -12.79 29.80 -5.14
CA LEU A 209 -12.28 29.57 -6.50
C LEU A 209 -11.73 30.85 -7.10
N SER A 210 -12.39 31.99 -6.84
CA SER A 210 -11.90 33.25 -7.35
C SER A 210 -10.55 33.61 -6.73
N LEU A 211 -10.42 33.46 -5.41
CA LEU A 211 -9.13 33.69 -4.77
C LEU A 211 -8.07 32.74 -5.31
N TYR A 212 -8.43 31.48 -5.53
CA TYR A 212 -7.46 30.52 -6.05
C TYR A 212 -7.03 30.89 -7.46
N ARG A 213 -7.99 31.17 -8.34
CA ARG A 213 -7.65 31.51 -9.71
C ARG A 213 -6.85 32.82 -9.78
N ASP A 214 -7.18 33.78 -8.92
CA ASP A 214 -6.44 35.04 -8.87
C ASP A 214 -4.99 34.80 -8.43
N ALA A 215 -4.81 34.09 -7.31
CA ALA A 215 -3.46 33.81 -6.83
C ALA A 215 -2.68 32.99 -7.84
N ALA A 216 -3.35 32.05 -8.53
CA ALA A 216 -2.66 31.24 -9.53
C ALA A 216 -2.11 32.10 -10.66
N SER A 217 -2.92 33.03 -11.16
CA SER A 217 -2.45 33.90 -12.24
C SER A 217 -1.30 34.77 -11.79
N ALA A 218 -1.37 35.30 -10.56
CA ALA A 218 -0.27 36.10 -10.01
C ALA A 218 1.01 35.29 -9.94
N ALA A 219 0.91 33.99 -9.65
CA ALA A 219 2.06 33.11 -9.65
C ALA A 219 2.41 32.57 -11.03
N GLY A 220 1.82 33.13 -12.09
CA GLY A 220 2.13 32.71 -13.45
C GLY A 220 1.75 31.27 -13.72
N PHE A 221 0.57 30.86 -13.25
CA PHE A 221 0.18 29.45 -13.24
C PHE A 221 -1.28 29.37 -13.64
N LYS A 222 -1.54 28.61 -14.70
CA LYS A 222 -2.87 28.48 -15.30
C LYS A 222 -3.51 27.17 -14.87
N PRO A 223 -4.45 27.19 -13.93
CA PRO A 223 -5.05 25.92 -13.50
C PRO A 223 -5.97 25.35 -14.56
N THR A 224 -5.85 24.05 -14.80
CA THR A 224 -6.78 23.36 -15.69
C THR A 224 -7.92 22.76 -14.85
N GLU A 225 -8.89 22.18 -15.54
CA GLU A 225 -10.00 21.55 -14.83
C GLU A 225 -9.55 20.36 -13.98
N GLU A 226 -8.37 19.79 -14.27
CA GLU A 226 -7.88 18.70 -13.44
C GLU A 226 -7.17 19.18 -12.17
N ASP A 227 -7.01 20.50 -12.00
CA ASP A 227 -6.40 21.06 -10.81
C ASP A 227 -7.41 21.40 -9.72
N ILE A 228 -8.70 21.20 -9.98
CA ILE A 228 -9.76 21.57 -9.05
C ILE A 228 -10.68 20.37 -8.91
N HIS A 229 -10.74 19.80 -7.70
CA HIS A 229 -11.51 18.60 -7.42
C HIS A 229 -12.59 18.90 -6.39
N MET A 230 -13.78 18.32 -6.57
CA MET A 230 -14.82 18.33 -5.54
C MET A 230 -15.54 17.00 -5.58
N SER A 231 -15.94 16.49 -4.41
CA SER A 231 -16.68 15.23 -4.34
C SER A 231 -18.14 15.51 -4.04
N TYR A 232 -19.02 14.73 -4.67
CA TYR A 232 -20.46 14.81 -4.44
C TYR A 232 -21.02 13.41 -4.25
N ASN A 233 -21.86 13.22 -3.23
CA ASN A 233 -22.61 11.98 -3.14
C ASN A 233 -23.49 11.83 -4.38
N CYS A 234 -23.52 10.62 -4.94
CA CYS A 234 -24.18 10.45 -6.23
C CYS A 234 -24.97 9.15 -6.24
N TYR A 235 -26.24 9.24 -6.60
CA TYR A 235 -27.09 8.06 -6.74
C TYR A 235 -28.07 8.33 -7.87
N LEU A 236 -28.09 7.45 -8.88
CA LEU A 236 -28.98 7.60 -10.02
C LEU A 236 -29.91 6.40 -10.13
N ALA A 237 -31.16 6.66 -10.50
CA ALA A 237 -32.08 5.60 -10.89
C ALA A 237 -33.03 6.18 -11.93
N GLU A 238 -33.62 5.30 -12.76
CA GLU A 238 -34.59 5.78 -13.74
C GLU A 238 -35.80 6.41 -13.07
N ASP A 239 -36.18 5.89 -11.91
CA ASP A 239 -37.24 6.45 -11.07
C ASP A 239 -36.57 7.41 -10.08
N GLY A 240 -36.78 8.71 -10.29
CA GLY A 240 -36.15 9.71 -9.44
C GLY A 240 -36.60 9.65 -8.01
N GLN A 241 -37.80 9.14 -7.75
CA GLN A 241 -38.25 8.99 -6.36
C GLN A 241 -37.56 7.82 -5.67
N GLU A 242 -37.24 6.75 -6.41
CA GLU A 242 -36.41 5.69 -5.87
C GLU A 242 -35.00 6.20 -5.60
N ALA A 243 -34.45 7.03 -6.50
CA ALA A 243 -33.14 7.60 -6.27
C ALA A 243 -33.13 8.45 -5.00
N ARG A 244 -34.17 9.27 -4.83
CA ARG A 244 -34.30 10.05 -3.60
C ARG A 244 -34.38 9.16 -2.37
N GLN A 245 -35.18 8.08 -2.44
CA GLN A 245 -35.32 7.23 -1.27
C GLN A 245 -34.03 6.51 -0.93
N LYS A 246 -33.42 5.83 -1.91
CA LYS A 246 -32.23 5.05 -1.64
C LYS A 246 -30.99 5.93 -1.50
N GLY A 247 -30.86 6.95 -2.34
CA GLY A 247 -29.76 7.89 -2.17
C GLY A 247 -29.90 8.73 -0.92
N GLY A 248 -31.13 9.09 -0.56
CA GLY A 248 -31.34 9.81 0.68
C GLY A 248 -30.98 8.99 1.90
N GLN A 249 -31.32 7.70 1.89
CA GLN A 249 -30.91 6.81 2.98
C GLN A 249 -29.39 6.73 3.07
N ALA A 250 -28.73 6.60 1.93
CA ALA A 250 -27.27 6.54 1.91
C ALA A 250 -26.66 7.81 2.50
N SER A 251 -27.13 8.98 2.05
CA SER A 251 -26.62 10.23 2.59
C SER A 251 -26.92 10.34 4.08
N GLU A 252 -28.06 9.82 4.51
CA GLU A 252 -28.39 9.80 5.93
C GLU A 252 -27.41 8.93 6.71
N ARG A 253 -27.12 7.73 6.18
CA ARG A 253 -26.21 6.81 6.84
C ARG A 253 -24.81 7.41 6.97
N ALA A 254 -24.32 8.05 5.91
CA ALA A 254 -23.01 8.67 5.96
C ALA A 254 -22.98 9.83 6.95
N ASN A 255 -24.05 10.63 6.96
CA ASN A 255 -24.14 11.74 7.91
C ASN A 255 -24.11 11.25 9.34
N ARG A 256 -24.79 10.13 9.61
CA ARG A 256 -24.80 9.57 10.97
C ARG A 256 -23.42 9.08 11.36
N ALA A 257 -22.76 8.31 10.47
CA ALA A 257 -21.38 7.88 10.72
C ALA A 257 -20.48 9.08 10.99
N LEU A 258 -20.68 10.18 10.27
CA LEU A 258 -19.88 11.37 10.49
C LEU A 258 -20.13 11.96 11.86
N ALA A 259 -21.40 12.13 12.22
CA ALA A 259 -21.74 12.70 13.52
C ALA A 259 -21.15 11.86 14.64
N SER A 260 -21.22 10.54 14.50
CA SER A 260 -20.66 9.66 15.52
C SER A 260 -19.14 9.77 15.58
N ALA A 261 -18.49 10.00 14.44
CA ALA A 261 -17.04 10.04 14.42
C ALA A 261 -16.47 11.38 14.90
N VAL A 262 -17.22 12.48 14.72
CA VAL A 262 -16.74 13.77 15.21
C VAL A 262 -16.86 13.85 16.74
N SER A 263 -17.68 13.01 17.34
CA SER A 263 -17.59 12.77 18.78
C SER A 263 -18.20 11.41 19.12
N GLY A 286 -36.69 16.72 4.76
CA GLY A 286 -36.54 18.12 4.45
C GLY A 286 -35.09 18.50 4.19
N ASP A 287 -34.20 18.04 5.07
CA ASP A 287 -32.79 18.40 4.95
C ASP A 287 -32.18 17.84 3.69
N PHE A 288 -32.49 16.59 3.35
CA PHE A 288 -31.92 16.00 2.14
C PHE A 288 -32.46 16.67 0.89
N ASP A 289 -33.78 16.90 0.82
CA ASP A 289 -34.33 17.54 -0.37
C ASP A 289 -33.75 18.95 -0.56
N ARG A 290 -33.52 19.68 0.53
CA ARG A 290 -32.92 21.00 0.38
C ARG A 290 -31.48 20.90 -0.12
N ALA A 291 -30.73 19.91 0.37
CA ALA A 291 -29.38 19.69 -0.13
C ALA A 291 -29.39 19.41 -1.64
N VAL A 292 -30.33 18.58 -2.09
CA VAL A 292 -30.42 18.28 -3.52
C VAL A 292 -30.79 19.53 -4.31
N ALA A 293 -31.76 20.30 -3.81
CA ALA A 293 -32.16 21.52 -4.50
C ALA A 293 -31.02 22.52 -4.55
N GLU A 294 -30.15 22.52 -3.55
CA GLU A 294 -29.00 23.41 -3.50
C GLU A 294 -27.78 22.87 -4.24
N ARG A 295 -27.92 21.70 -4.87
CA ARG A 295 -26.84 21.05 -5.60
C ARG A 295 -25.66 20.73 -4.69
N LYS A 296 -25.97 20.25 -3.48
CA LYS A 296 -24.97 19.74 -2.56
C LYS A 296 -24.82 18.23 -2.64
N ALA A 297 -25.64 17.58 -3.46
CA ALA A 297 -25.61 16.14 -3.69
C ALA A 297 -26.24 15.90 -5.05
N LEU A 298 -25.73 14.91 -5.76
CA LEU A 298 -26.15 14.62 -7.14
C LEU A 298 -26.98 13.35 -7.10
N VAL A 299 -28.24 13.49 -6.69
CA VAL A 299 -29.14 12.35 -6.48
C VAL A 299 -30.40 12.61 -7.28
N GLY A 300 -30.77 11.67 -8.14
CA GLY A 300 -32.01 11.77 -8.90
C GLY A 300 -31.94 10.91 -10.15
N THR A 301 -32.84 11.19 -11.08
CA THR A 301 -32.72 10.60 -12.41
C THR A 301 -31.51 11.18 -13.11
N PRO A 302 -31.06 10.56 -14.21
CA PRO A 302 -30.06 11.22 -15.07
C PRO A 302 -30.47 12.61 -15.52
N ASP A 303 -31.77 12.85 -15.71
CA ASP A 303 -32.23 14.15 -16.13
C ASP A 303 -32.11 15.19 -15.02
N GLU A 304 -32.51 14.81 -13.80
CA GLU A 304 -32.32 15.70 -12.64
C GLU A 304 -30.85 16.03 -12.47
N VAL A 305 -29.99 15.02 -12.54
CA VAL A 305 -28.58 15.24 -12.26
C VAL A 305 -27.93 16.01 -13.41
N ARG A 306 -28.43 15.87 -14.64
CA ARG A 306 -27.94 16.68 -15.75
C ARG A 306 -28.18 18.16 -15.48
N ALA A 307 -29.40 18.49 -15.06
CA ALA A 307 -29.70 19.89 -14.75
C ALA A 307 -28.86 20.39 -13.59
N ALA A 308 -28.62 19.53 -12.60
CA ALA A 308 -27.81 19.91 -11.45
C ALA A 308 -26.37 20.18 -11.87
N ILE A 309 -25.79 19.31 -12.70
CA ILE A 309 -24.41 19.51 -13.13
C ILE A 309 -24.28 20.81 -13.93
N ASP A 310 -25.23 21.06 -14.84
CA ASP A 310 -25.18 22.31 -15.61
C ASP A 310 -25.23 23.54 -14.71
N ASP A 311 -26.00 23.48 -13.61
CA ASP A 311 -26.01 24.57 -12.65
C ASP A 311 -24.64 24.73 -11.99
N ILE A 312 -24.06 23.61 -11.55
CA ILE A 312 -22.76 23.62 -10.88
C ILE A 312 -21.69 24.19 -11.81
N ARG A 313 -21.70 23.75 -13.07
CA ARG A 313 -20.74 24.26 -14.04
C ARG A 313 -20.91 25.76 -14.24
N GLY A 314 -22.15 26.24 -14.23
CA GLY A 314 -22.39 27.67 -14.34
C GLY A 314 -21.84 28.46 -13.17
N TRP A 315 -21.88 27.88 -11.97
CA TRP A 315 -21.35 28.58 -10.80
C TRP A 315 -19.83 28.53 -10.73
N PHE A 316 -19.25 27.38 -11.01
CA PHE A 316 -17.86 27.12 -10.67
C PHE A 316 -16.92 27.05 -11.87
N GLY A 317 -17.44 26.92 -13.08
CA GLY A 317 -16.60 26.67 -14.22
C GLY A 317 -16.36 25.18 -14.39
N ASP A 318 -15.41 24.85 -15.25
CA ASP A 318 -15.08 23.45 -15.51
C ASP A 318 -14.09 22.93 -14.47
N PHE A 319 -14.38 21.75 -13.92
CA PHE A 319 -13.48 21.15 -12.91
C PHE A 319 -13.74 19.65 -12.88
N THR A 320 -13.12 18.96 -11.93
CA THR A 320 -13.17 17.52 -11.81
C THR A 320 -14.07 17.13 -10.63
N ILE A 321 -15.14 16.38 -10.91
CA ILE A 321 -16.07 15.91 -9.89
C ILE A 321 -15.77 14.45 -9.61
N SER A 322 -15.72 14.07 -8.34
CA SER A 322 -15.70 12.67 -7.92
C SER A 322 -17.09 12.30 -7.43
N LEU A 323 -17.69 11.29 -8.05
CA LEU A 323 -19.04 10.85 -7.69
C LEU A 323 -18.92 9.78 -6.61
N GLN A 324 -19.38 10.10 -5.40
CA GLN A 324 -19.30 9.16 -4.29
C GLN A 324 -20.47 8.19 -4.37
N VAL A 325 -20.21 6.93 -4.73
CA VAL A 325 -21.27 6.01 -5.17
C VAL A 325 -21.54 4.86 -4.21
N ILE A 326 -20.84 4.79 -3.08
CA ILE A 326 -21.09 3.72 -2.12
C ILE A 326 -21.49 4.31 -0.77
N SER A 327 -22.23 3.53 0.02
CA SER A 327 -22.60 3.97 1.36
C SER A 327 -23.33 2.87 2.12
N GLY A 328 -22.79 2.51 3.29
CA GLY A 328 -23.48 1.58 4.16
C GLY A 328 -23.62 0.23 3.49
N ALA A 329 -24.79 -0.38 3.67
CA ALA A 329 -25.10 -1.65 3.07
C ALA A 329 -25.71 -1.51 1.67
N MET A 330 -25.54 -0.35 1.03
CA MET A 330 -26.04 -0.16 -0.33
C MET A 330 -25.53 -1.29 -1.22
N PRO A 331 -26.43 -2.05 -1.85
CA PRO A 331 -25.99 -3.16 -2.70
C PRO A 331 -25.02 -2.67 -3.77
N PHE A 332 -24.03 -3.52 -4.06
CA PHE A 332 -23.14 -3.25 -5.18
C PHE A 332 -23.94 -2.95 -6.45
N GLU A 333 -25.04 -3.68 -6.66
CA GLU A 333 -25.79 -3.53 -7.91
C GLU A 333 -26.34 -2.10 -8.07
N GLU A 334 -26.63 -1.44 -6.95
CA GLU A 334 -27.13 -0.07 -6.98
C GLU A 334 -26.01 0.92 -7.28
N SER A 335 -24.83 0.71 -6.69
CA SER A 335 -23.67 1.52 -7.07
C SER A 335 -23.35 1.36 -8.56
N ALA A 336 -23.40 0.12 -9.03
CA ALA A 336 -23.10 -0.14 -10.44
C ALA A 336 -24.15 0.48 -11.36
N ARG A 337 -25.43 0.43 -10.95
CA ARG A 337 -26.48 1.06 -11.74
C ARG A 337 -26.25 2.56 -11.85
N THR A 338 -25.88 3.20 -10.74
CA THR A 338 -25.58 4.63 -10.76
C THR A 338 -24.50 4.92 -11.79
N MET A 339 -23.42 4.11 -11.78
CA MET A 339 -22.33 4.36 -12.71
C MET A 339 -22.75 4.10 -14.15
N ARG A 340 -23.52 3.03 -14.38
CA ARG A 340 -23.96 2.73 -15.75
C ARG A 340 -24.90 3.80 -16.29
N LEU A 341 -25.82 4.31 -15.46
CA LEU A 341 -26.71 5.36 -15.93
C LEU A 341 -25.96 6.66 -16.20
N PHE A 342 -24.99 6.98 -15.34
CA PHE A 342 -24.19 8.18 -15.56
C PHE A 342 -23.39 8.06 -16.85
N ALA A 343 -22.81 6.88 -17.08
CA ALA A 343 -21.98 6.70 -18.28
C ALA A 343 -22.82 6.78 -19.56
N GLU A 344 -24.03 6.22 -19.54
CA GLU A 344 -24.84 6.20 -20.75
C GLU A 344 -25.46 7.57 -21.04
N HIS A 345 -25.92 8.27 -20.00
CA HIS A 345 -26.76 9.43 -20.21
C HIS A 345 -26.05 10.76 -20.00
N LEU A 346 -24.92 10.78 -19.29
CA LEU A 346 -24.31 12.05 -18.92
C LEU A 346 -22.89 12.19 -19.43
N LEU A 347 -22.06 11.16 -19.26
CA LEU A 347 -20.67 11.22 -19.73
C LEU A 347 -20.53 11.68 -21.18
N PRO A 348 -21.33 11.21 -22.16
CA PRO A 348 -21.10 11.66 -23.54
C PRO A 348 -21.25 13.16 -23.74
N HIS A 349 -22.14 13.82 -22.98
CA HIS A 349 -22.42 15.22 -23.21
C HIS A 349 -21.36 16.15 -22.61
N TYR A 350 -20.49 15.67 -21.74
CA TYR A 350 -19.41 16.48 -21.21
C TYR A 350 -18.04 16.09 -21.77
N ALA A 351 -17.97 15.06 -22.60
CA ALA A 351 -16.70 14.58 -23.13
C ALA A 351 -16.19 15.44 -24.29
N MET B 1 8.35 -29.47 1.82
CA MET B 1 8.89 -28.20 1.35
C MET B 1 7.81 -27.44 0.61
N LYS B 2 7.84 -26.12 0.73
CA LYS B 2 7.05 -25.22 -0.10
C LYS B 2 8.01 -24.26 -0.77
N PHE B 3 7.64 -23.80 -1.97
CA PHE B 3 8.49 -22.91 -2.75
C PHE B 3 7.68 -21.76 -3.31
N GLY B 4 8.07 -20.54 -2.94
CA GLY B 4 7.52 -19.35 -3.52
C GLY B 4 8.62 -18.54 -4.18
N ILE B 5 8.31 -17.33 -4.60
CA ILE B 5 9.21 -16.46 -5.34
C ILE B 5 9.46 -15.20 -4.51
N ASN B 6 10.72 -14.80 -4.40
CA ASN B 6 11.12 -13.53 -3.80
C ASN B 6 11.38 -12.52 -4.90
N LEU B 7 10.77 -11.34 -4.78
CA LEU B 7 10.96 -10.26 -5.75
C LEU B 7 11.59 -9.06 -5.06
N PHE B 8 12.73 -9.31 -4.43
CA PHE B 8 13.53 -8.31 -3.75
C PHE B 8 14.32 -7.55 -4.82
N PRO B 9 14.16 -6.21 -4.94
CA PRO B 9 14.91 -5.49 -5.98
C PRO B 9 16.34 -5.22 -5.55
N THR B 10 17.30 -5.70 -6.33
CA THR B 10 18.70 -5.26 -6.21
C THR B 10 19.06 -4.72 -7.59
N VAL B 11 18.72 -3.45 -7.80
CA VAL B 11 18.63 -2.91 -9.16
C VAL B 11 18.55 -1.39 -9.07
N GLY B 12 19.17 -0.71 -10.03
CA GLY B 12 19.07 0.72 -10.16
C GLY B 12 18.77 1.08 -11.60
N PRO B 13 18.60 2.37 -11.86
CA PRO B 13 18.09 2.81 -13.18
C PRO B 13 19.00 2.51 -14.36
N ALA B 14 20.30 2.32 -14.14
CA ALA B 14 21.17 1.90 -15.24
C ALA B 14 20.87 0.49 -15.71
N GLU B 15 20.14 -0.29 -14.91
CA GLU B 15 19.77 -1.67 -15.22
C GLU B 15 18.30 -1.81 -15.59
N LYS B 16 17.41 -1.27 -14.76
CA LYS B 16 15.98 -1.20 -15.06
C LYS B 16 15.41 0.06 -14.43
N SER B 17 14.63 0.83 -15.19
CA SER B 17 13.83 1.88 -14.58
C SER B 17 12.87 1.29 -13.55
N ALA B 18 12.41 2.12 -12.61
CA ALA B 18 11.38 1.67 -11.69
C ALA B 18 10.15 1.19 -12.45
N GLY B 19 9.80 1.87 -13.55
CA GLY B 19 8.63 1.48 -14.30
C GLY B 19 8.78 0.09 -14.90
N GLN B 20 9.95 -0.19 -15.47
CA GLN B 20 10.19 -1.53 -16.01
C GLN B 20 10.20 -2.57 -14.90
N HIS B 21 10.85 -2.25 -13.77
CA HIS B 21 10.91 -3.20 -12.67
C HIS B 21 9.52 -3.61 -12.17
N PHE B 22 8.63 -2.64 -11.97
CA PHE B 22 7.34 -2.99 -11.40
C PHE B 22 6.47 -3.72 -12.42
N GLU B 23 6.56 -3.34 -13.69
CA GLU B 23 5.82 -4.07 -14.75
CA GLU B 23 5.80 -4.07 -14.70
C GLU B 23 6.27 -5.52 -14.82
N GLU B 24 7.58 -5.74 -14.81
CA GLU B 24 8.08 -7.10 -14.93
C GLU B 24 7.83 -7.91 -13.65
N SER B 25 7.95 -7.27 -12.48
CA SER B 25 7.72 -7.99 -11.23
C SER B 25 6.27 -8.40 -11.09
N LEU B 26 5.33 -7.56 -11.51
CA LEU B 26 3.94 -7.98 -11.47
C LEU B 26 3.69 -9.14 -12.43
N ARG B 27 4.39 -9.15 -13.58
CA ARG B 27 4.20 -10.28 -14.49
C ARG B 27 4.83 -11.56 -13.93
N LEU B 28 5.93 -11.43 -13.17
CA LEU B 28 6.48 -12.59 -12.50
C LEU B 28 5.53 -13.11 -11.42
N ALA B 29 4.83 -12.21 -10.71
CA ALA B 29 3.83 -12.66 -9.74
C ALA B 29 2.71 -13.42 -10.44
N GLU B 30 2.27 -12.93 -11.61
CA GLU B 30 1.28 -13.65 -12.40
C GLU B 30 1.79 -15.03 -12.79
N LEU B 31 3.07 -15.11 -13.18
CA LEU B 31 3.64 -16.39 -13.57
C LEU B 31 3.78 -17.33 -12.38
N ALA B 32 4.13 -16.81 -11.21
CA ALA B 32 4.15 -17.62 -9.99
C ALA B 32 2.78 -18.23 -9.72
N ASP B 33 1.72 -17.43 -9.87
CA ASP B 33 0.35 -17.91 -9.77
C ASP B 33 0.09 -19.04 -10.75
N GLU B 34 0.41 -18.81 -12.02
CA GLU B 34 0.10 -19.80 -13.05
C GLU B 34 0.85 -21.10 -12.84
N LEU B 35 2.12 -21.02 -12.46
CA LEU B 35 2.97 -22.20 -12.37
C LEU B 35 2.80 -22.98 -11.07
N GLY B 36 2.04 -22.45 -10.11
CA GLY B 36 1.76 -23.17 -8.89
C GLY B 36 2.69 -22.89 -7.73
N PHE B 37 3.46 -21.81 -7.78
CA PHE B 37 4.33 -21.48 -6.65
C PHE B 37 3.51 -21.02 -5.45
N HIS B 38 4.08 -21.22 -4.26
CA HIS B 38 3.35 -21.07 -3.01
C HIS B 38 3.01 -19.61 -2.70
N HIS B 39 3.92 -18.68 -3.00
CA HIS B 39 3.77 -17.30 -2.57
C HIS B 39 4.61 -16.39 -3.44
N VAL B 40 4.36 -15.09 -3.27
CA VAL B 40 5.18 -13.99 -3.78
C VAL B 40 5.57 -13.13 -2.59
N LYS B 41 6.84 -12.79 -2.50
CA LYS B 41 7.38 -12.06 -1.36
C LYS B 41 8.13 -10.83 -1.86
N THR B 42 8.12 -9.75 -1.07
CA THR B 42 9.00 -8.62 -1.36
C THR B 42 9.34 -7.92 -0.04
N VAL B 43 10.22 -6.92 -0.14
CA VAL B 43 10.97 -6.39 1.00
C VAL B 43 10.57 -4.95 1.28
N GLU B 44 11.00 -4.45 2.46
CA GLU B 44 10.99 -3.03 2.81
C GLU B 44 12.42 -2.53 2.96
N HIS B 45 12.83 -1.58 2.12
CA HIS B 45 14.16 -0.98 2.23
C HIS B 45 14.13 0.43 1.61
N TYR B 46 15.13 1.24 1.97
CA TYR B 46 15.16 2.66 1.58
C TYR B 46 16.50 3.06 1.00
N PHE B 47 16.45 3.86 -0.06
CA PHE B 47 17.55 4.71 -0.56
C PHE B 47 18.53 4.02 -1.51
N HIS B 48 18.84 2.75 -1.30
CA HIS B 48 19.95 2.14 -2.01
C HIS B 48 19.44 1.16 -3.06
N GLU B 49 20.30 0.84 -4.04
CA GLU B 49 19.93 -0.19 -5.00
C GLU B 49 19.64 -1.53 -4.32
N TYR B 50 20.18 -1.74 -3.12
CA TYR B 50 19.80 -2.86 -2.29
C TYR B 50 18.42 -2.62 -1.70
N GLY B 51 17.37 -3.02 -2.43
CA GLY B 51 16.01 -2.98 -1.91
C GLY B 51 15.27 -1.67 -2.03
N GLY B 52 15.93 -0.59 -2.45
CA GLY B 52 15.35 0.74 -2.32
C GLY B 52 14.19 1.05 -3.26
N TYR B 53 14.03 0.28 -4.34
CA TYR B 53 12.81 0.41 -5.14
C TYR B 53 11.56 0.00 -4.38
N SER B 54 11.68 -0.62 -3.20
CA SER B 54 10.51 -1.07 -2.44
C SER B 54 10.53 -0.52 -1.01
N PRO B 55 10.29 0.79 -0.85
CA PRO B 55 10.12 1.34 0.51
C PRO B 55 8.83 0.87 1.20
N ASP B 56 7.88 0.30 0.46
CA ASP B 56 6.60 -0.11 1.05
C ASP B 56 6.14 -1.40 0.39
N PRO B 57 6.48 -2.56 0.98
CA PRO B 57 6.10 -3.82 0.32
C PRO B 57 4.60 -4.00 0.18
N VAL B 58 3.79 -3.45 1.10
CA VAL B 58 2.34 -3.62 1.01
C VAL B 58 1.80 -3.01 -0.28
N THR B 59 2.38 -1.90 -0.74
CA THR B 59 1.92 -1.30 -1.99
C THR B 59 2.12 -2.23 -3.18
N PHE B 60 3.29 -2.85 -3.28
CA PHE B 60 3.52 -3.82 -4.34
C PHE B 60 2.60 -5.03 -4.18
N LEU B 61 2.52 -5.58 -2.96
CA LEU B 61 1.78 -6.83 -2.78
C LEU B 61 0.28 -6.64 -2.99
N ALA B 62 -0.24 -5.43 -2.77
CA ALA B 62 -1.64 -5.16 -3.09
C ALA B 62 -1.88 -5.24 -4.59
N ALA B 63 -0.97 -4.66 -5.38
CA ALA B 63 -1.04 -4.82 -6.82
C ALA B 63 -0.87 -6.28 -7.24
N ALA B 64 0.10 -6.99 -6.65
CA ALA B 64 0.29 -8.40 -6.99
C ALA B 64 -0.92 -9.24 -6.63
N ALA B 65 -1.54 -8.96 -5.48
CA ALA B 65 -2.76 -9.66 -5.10
C ALA B 65 -3.85 -9.45 -6.14
N ALA B 66 -4.01 -8.21 -6.61
CA ALA B 66 -5.06 -7.91 -7.58
C ALA B 66 -4.82 -8.60 -8.91
N ARG B 67 -3.58 -8.95 -9.24
CA ARG B 67 -3.27 -9.57 -10.51
C ARG B 67 -3.35 -11.09 -10.47
N THR B 68 -3.58 -11.68 -9.29
CA THR B 68 -3.46 -13.11 -9.06
C THR B 68 -4.69 -13.62 -8.34
N ARG B 69 -4.76 -14.95 -8.23
CA ARG B 69 -5.90 -15.64 -7.63
C ARG B 69 -5.54 -16.54 -6.47
N ARG B 70 -4.39 -17.20 -6.51
CA ARG B 70 -4.12 -18.27 -5.55
C ARG B 70 -2.84 -18.08 -4.76
N VAL B 71 -1.82 -17.49 -5.39
CA VAL B 71 -0.52 -17.38 -4.75
C VAL B 71 -0.63 -16.54 -3.47
N ARG B 72 0.11 -16.94 -2.43
CA ARG B 72 0.09 -16.14 -1.21
C ARG B 72 0.96 -14.91 -1.39
N LEU B 73 0.66 -13.88 -0.58
CA LEU B 73 1.44 -12.64 -0.57
C LEU B 73 2.11 -12.56 0.78
N VAL B 74 3.43 -12.37 0.80
CA VAL B 74 4.19 -12.41 2.05
C VAL B 74 5.07 -11.16 2.14
N THR B 75 4.94 -10.41 3.24
CA THR B 75 5.90 -9.36 3.51
C THR B 75 7.18 -10.01 4.03
N GLY B 76 8.30 -9.67 3.37
CA GLY B 76 9.60 -10.17 3.76
C GLY B 76 10.63 -9.06 3.75
N ALA B 77 10.54 -8.09 4.66
CA ALA B 77 9.61 -8.08 5.79
C ALA B 77 9.25 -6.63 6.11
N VAL B 78 8.06 -6.40 6.69
CA VAL B 78 7.75 -5.05 7.14
C VAL B 78 8.61 -4.75 8.35
N LEU B 79 8.94 -3.47 8.53
CA LEU B 79 9.87 -3.08 9.59
C LEU B 79 9.14 -2.27 10.64
N PRO B 80 8.69 -2.89 11.73
CA PRO B 80 7.93 -2.13 12.74
C PRO B 80 8.70 -0.96 13.32
N VAL B 81 10.03 -0.97 13.23
CA VAL B 81 10.80 0.10 13.88
C VAL B 81 10.54 1.45 13.22
N PHE B 82 10.13 1.47 11.95
CA PHE B 82 9.95 2.73 11.22
C PHE B 82 8.49 3.12 10.98
N THR B 83 7.52 2.35 11.47
CA THR B 83 6.11 2.68 11.26
C THR B 83 5.32 2.48 12.55
N HIS B 84 4.29 3.30 12.71
CA HIS B 84 3.43 3.20 13.88
C HIS B 84 2.59 1.93 13.79
N PRO B 85 2.40 1.21 14.89
CA PRO B 85 1.60 -0.03 14.83
C PRO B 85 0.19 0.19 14.33
N LEU B 86 -0.42 1.35 14.59
CA LEU B 86 -1.76 1.60 14.06
C LEU B 86 -1.76 1.59 12.54
N LYS B 87 -0.78 2.23 11.93
CA LYS B 87 -0.74 2.28 10.46
C LYS B 87 -0.40 0.92 9.88
N LEU B 88 0.56 0.22 10.49
CA LEU B 88 0.94 -1.10 10.01
C LEU B 88 -0.23 -2.07 10.07
N ALA B 89 -0.94 -2.10 11.21
CA ALA B 89 -2.08 -3.01 11.33
C ALA B 89 -3.16 -2.71 10.30
N GLY B 90 -3.42 -1.42 10.06
CA GLY B 90 -4.48 -1.05 9.14
C GLY B 90 -4.20 -1.42 7.69
N LYS B 91 -3.02 -1.06 7.19
CA LYS B 91 -2.72 -1.33 5.78
C LYS B 91 -2.63 -2.82 5.53
N LEU B 92 -2.12 -3.58 6.51
CA LEU B 92 -2.04 -5.03 6.34
C LEU B 92 -3.43 -5.65 6.37
N ALA B 93 -4.32 -5.13 7.23
CA ALA B 93 -5.70 -5.63 7.24
C ALA B 93 -6.40 -5.37 5.91
N MET B 94 -6.18 -4.18 5.34
CA MET B 94 -6.68 -3.92 3.99
C MET B 94 -6.15 -4.96 3.01
N LEU B 95 -4.84 -5.18 3.02
CA LEU B 95 -4.24 -6.14 2.10
C LEU B 95 -4.81 -7.54 2.29
N ASP B 96 -5.00 -7.94 3.56
CA ASP B 96 -5.60 -9.25 3.83
C ASP B 96 -6.95 -9.40 3.15
N ASN B 97 -7.79 -8.37 3.26
CA ASN B 97 -9.12 -8.45 2.66
C ASN B 97 -9.07 -8.36 1.14
N ILE B 98 -8.24 -7.46 0.60
CA ILE B 98 -8.08 -7.36 -0.85
C ILE B 98 -7.67 -8.70 -1.44
N SER B 99 -6.77 -9.41 -0.77
CA SER B 99 -6.25 -10.69 -1.26
C SER B 99 -7.13 -11.86 -0.89
N GLN B 100 -8.23 -11.62 -0.18
CA GLN B 100 -9.16 -12.66 0.24
C GLN B 100 -8.45 -13.74 1.07
N GLY B 101 -7.66 -13.29 2.03
CA GLY B 101 -7.07 -14.19 3.01
C GLY B 101 -5.77 -14.84 2.61
N ARG B 102 -5.07 -14.30 1.62
CA ARG B 102 -3.83 -14.91 1.11
C ARG B 102 -2.58 -14.31 1.72
N LEU B 103 -2.73 -13.41 2.70
CA LEU B 103 -1.58 -12.70 3.28
C LEU B 103 -0.92 -13.48 4.42
N ASP B 104 0.41 -13.60 4.36
CA ASP B 104 1.24 -13.93 5.52
C ASP B 104 2.14 -12.74 5.79
N VAL B 105 2.30 -12.36 7.07
CA VAL B 105 3.02 -11.14 7.42
C VAL B 105 4.32 -11.50 8.12
N GLY B 106 5.44 -11.32 7.42
CA GLY B 106 6.74 -11.36 8.05
C GLY B 106 7.13 -9.97 8.56
N PHE B 107 7.64 -9.94 9.78
CA PHE B 107 8.14 -8.73 10.45
C PHE B 107 9.64 -8.86 10.59
N GLY B 108 10.38 -7.82 10.19
CA GLY B 108 11.81 -7.89 10.11
C GLY B 108 12.50 -6.90 11.03
N ARG B 109 13.79 -7.12 11.22
CA ARG B 109 14.61 -6.22 12.00
CA ARG B 109 14.62 -6.22 12.00
C ARG B 109 15.47 -5.39 11.05
N ALA B 110 15.44 -4.07 11.22
CA ALA B 110 16.26 -3.22 10.38
C ALA B 110 17.73 -3.34 10.79
N PHE B 111 18.63 -3.15 9.83
CA PHE B 111 20.05 -3.26 10.13
C PHE B 111 20.90 -2.27 9.35
N LEU B 112 20.32 -1.60 8.36
CA LEU B 112 21.10 -0.67 7.55
C LEU B 112 21.24 0.66 8.28
N PRO B 113 22.46 1.14 8.52
CA PRO B 113 22.60 2.38 9.29
C PRO B 113 21.90 3.58 8.66
N ASP B 114 21.92 3.69 7.33
CA ASP B 114 21.29 4.82 6.66
C ASP B 114 19.80 4.89 6.94
N GLU B 115 19.13 3.75 7.14
CA GLU B 115 17.70 3.79 7.41
C GLU B 115 17.44 4.30 8.82
N PHE B 116 18.20 3.81 9.80
CA PHE B 116 18.07 4.33 11.16
C PHE B 116 18.35 5.81 11.20
N THR B 117 19.43 6.24 10.53
CA THR B 117 19.79 7.65 10.54
C THR B 117 18.67 8.52 9.99
N ALA B 118 18.14 8.14 8.82
CA ALA B 118 17.15 8.96 8.14
C ALA B 118 15.84 9.04 8.91
N PHE B 119 15.43 7.94 9.55
CA PHE B 119 14.21 7.97 10.35
C PHE B 119 14.45 8.47 11.77
N GLU B 120 15.68 8.85 12.11
CA GLU B 120 16.02 9.41 13.42
C GLU B 120 15.67 8.45 14.55
N ILE B 121 15.96 7.17 14.33
CA ILE B 121 15.75 6.13 15.34
C ILE B 121 17.10 5.64 15.81
N SER B 122 17.30 5.62 17.14
CA SER B 122 18.52 5.09 17.70
C SER B 122 18.53 3.58 17.60
N MET B 123 19.64 3.02 17.12
CA MET B 123 19.74 1.57 16.96
C MET B 123 19.58 0.82 18.28
N ASP B 124 19.88 1.46 19.41
CA ASP B 124 19.71 0.78 20.69
C ASP B 124 18.24 0.55 21.04
N GLU B 125 17.31 1.24 20.37
CA GLU B 125 15.88 0.96 20.57
C GLU B 125 15.34 -0.09 19.61
N SER B 126 16.20 -0.67 18.76
CA SER B 126 15.72 -1.55 17.69
C SER B 126 14.93 -2.73 18.24
N ARG B 127 15.47 -3.39 19.27
CA ARG B 127 14.85 -4.60 19.82
C ARG B 127 13.48 -4.30 20.41
N ALA B 128 13.40 -3.27 21.27
CA ALA B 128 12.14 -2.95 21.93
C ALA B 128 11.09 -2.48 20.94
N ARG B 129 11.49 -1.64 19.99
CA ARG B 129 10.52 -1.17 18.99
C ARG B 129 9.99 -2.32 18.17
N PHE B 130 10.85 -3.30 17.84
CA PHE B 130 10.40 -4.46 17.11
C PHE B 130 9.42 -5.29 17.92
N ASP B 131 9.80 -5.66 19.14
CA ASP B 131 8.94 -6.55 19.92
C ASP B 131 7.62 -5.87 20.26
N GLU B 132 7.66 -4.59 20.64
CA GLU B 132 6.42 -3.90 20.98
C GLU B 132 5.58 -3.65 19.74
N GLY B 133 6.21 -3.41 18.60
CA GLY B 133 5.45 -3.20 17.38
C GLY B 133 4.70 -4.46 16.95
N VAL B 134 5.40 -5.60 16.94
CA VAL B 134 4.75 -6.84 16.52
C VAL B 134 3.57 -7.14 17.44
N GLU B 135 3.78 -7.00 18.75
CA GLU B 135 2.72 -7.39 19.68
C GLU B 135 1.52 -6.44 19.59
N ALA B 136 1.78 -5.13 19.44
CA ALA B 136 0.67 -4.20 19.30
C ALA B 136 -0.13 -4.48 18.04
N VAL B 137 0.55 -4.78 16.93
CA VAL B 137 -0.16 -5.09 15.69
C VAL B 137 -1.01 -6.35 15.88
N ARG B 138 -0.42 -7.39 16.48
CA ARG B 138 -1.18 -8.62 16.71
C ARG B 138 -2.47 -8.35 17.48
N ARG B 139 -2.38 -7.54 18.53
CA ARG B 139 -3.56 -7.27 19.35
C ARG B 139 -4.59 -6.45 18.59
N LEU B 140 -4.11 -5.50 17.77
CA LEU B 140 -5.03 -4.69 16.97
C LEU B 140 -5.84 -5.54 16.02
N TRP B 141 -5.24 -6.63 15.51
CA TRP B 141 -5.95 -7.56 14.63
C TRP B 141 -6.87 -8.47 15.42
N ALA B 142 -6.40 -8.96 16.56
CA ALA B 142 -7.08 -10.05 17.23
C ALA B 142 -8.25 -9.58 18.08
N GLU B 143 -8.20 -8.35 18.58
CA GLU B 143 -9.11 -7.92 19.63
C GLU B 143 -9.81 -6.62 19.23
N GLU B 144 -10.89 -6.33 19.96
CA GLU B 144 -11.59 -5.06 19.85
C GLU B 144 -11.35 -4.22 21.09
N ASP B 145 -11.59 -2.92 20.97
CA ASP B 145 -11.43 -1.97 22.08
C ASP B 145 -10.04 -2.10 22.70
N VAL B 146 -9.03 -2.09 21.83
CA VAL B 146 -7.65 -2.34 22.24
C VAL B 146 -7.07 -1.09 22.88
N VAL B 147 -6.47 -1.25 24.05
CA VAL B 147 -5.66 -0.20 24.67
C VAL B 147 -4.24 -0.74 24.74
N TRP B 148 -3.28 0.04 24.25
CA TRP B 148 -1.88 -0.34 24.25
C TRP B 148 -1.10 0.79 24.91
N GLU B 149 -0.33 0.48 25.94
CA GLU B 149 0.45 1.50 26.65
C GLU B 149 1.86 0.98 26.82
N GLY B 150 2.66 1.15 25.77
CA GLY B 150 4.00 0.64 25.71
C GLY B 150 5.04 1.70 26.01
N THR B 151 6.27 1.43 25.57
CA THR B 151 7.37 2.37 25.74
C THR B 151 7.25 3.52 24.75
N PHE B 152 6.82 3.22 23.53
CA PHE B 152 6.91 4.14 22.41
C PHE B 152 5.57 4.72 21.99
N HIS B 153 4.48 4.00 22.20
CA HIS B 153 3.15 4.44 21.78
C HIS B 153 2.14 4.11 22.85
N ARG B 154 1.18 5.01 23.02
CA ARG B 154 0.07 4.82 23.96
C ARG B 154 -1.20 5.24 23.24
N PHE B 155 -2.17 4.31 23.13
CA PHE B 155 -3.42 4.63 22.46
C PHE B 155 -4.53 3.70 22.92
N GLY B 156 -5.77 4.14 22.69
CA GLY B 156 -6.92 3.30 22.90
C GLY B 156 -7.93 3.87 23.87
N PRO B 157 -9.12 3.25 23.96
CA PRO B 157 -9.48 2.03 23.23
C PRO B 157 -9.80 2.29 21.76
N VAL B 158 -9.32 1.42 20.88
CA VAL B 158 -9.63 1.50 19.46
C VAL B 158 -9.94 0.11 18.95
N THR B 159 -10.83 0.04 17.97
CA THR B 159 -11.06 -1.17 17.19
C THR B 159 -10.54 -0.89 15.79
N MET B 160 -9.43 -1.54 15.43
CA MET B 160 -8.79 -1.23 14.16
C MET B 160 -9.65 -1.79 13.03
N LEU B 161 -9.96 -0.94 12.06
CA LEU B 161 -10.68 -1.31 10.86
C LEU B 161 -9.75 -1.23 9.66
N PRO B 162 -9.99 -1.99 8.59
CA PRO B 162 -10.99 -3.06 8.54
C PRO B 162 -10.55 -4.21 9.41
N ARG B 163 -11.49 -5.02 9.89
CA ARG B 163 -11.11 -6.25 10.55
C ARG B 163 -10.44 -7.16 9.53
N THR B 164 -9.50 -8.00 10.00
CA THR B 164 -8.83 -8.88 9.07
C THR B 164 -9.79 -9.92 8.50
N TRP B 165 -9.45 -10.44 7.34
CA TRP B 165 -10.20 -11.54 6.77
C TRP B 165 -9.90 -12.82 7.52
N GLN B 166 -8.62 -13.13 7.70
CA GLN B 166 -8.20 -14.30 8.45
C GLN B 166 -8.38 -14.07 9.94
N ARG B 167 -8.90 -15.09 10.62
CA ARG B 167 -9.12 -14.97 12.05
C ARG B 167 -8.30 -16.01 12.81
N PRO B 168 -7.70 -15.65 13.95
CA PRO B 168 -7.78 -14.33 14.58
C PRO B 168 -6.95 -13.26 13.86
N HIS B 169 -6.02 -13.67 12.98
CA HIS B 169 -5.19 -12.76 12.19
C HIS B 169 -4.41 -13.55 11.15
N PRO B 170 -3.79 -12.90 10.16
CA PRO B 170 -2.88 -13.60 9.27
C PRO B 170 -1.73 -14.23 10.05
N ARG B 171 -1.12 -15.24 9.43
CA ARG B 171 0.10 -15.81 9.98
C ARG B 171 1.14 -14.71 10.20
N ILE B 172 1.77 -14.74 11.37
CA ILE B 172 2.84 -13.82 11.73
C ILE B 172 4.14 -14.60 11.75
N LEU B 173 5.15 -14.09 11.03
CA LEU B 173 6.51 -14.62 11.08
C LEU B 173 7.44 -13.50 11.52
N VAL B 174 8.45 -13.84 12.31
CA VAL B 174 9.39 -12.83 12.80
C VAL B 174 10.82 -13.24 12.42
N ALA B 175 11.58 -12.26 11.95
CA ALA B 175 13.02 -12.41 11.86
C ALA B 175 13.60 -12.58 13.26
N THR B 176 14.49 -13.56 13.42
CA THR B 176 15.09 -13.80 14.72
C THR B 176 16.38 -13.00 14.86
N ALA B 177 16.71 -12.65 16.10
CA ALA B 177 17.86 -11.81 16.40
C ALA B 177 19.09 -12.62 16.80
N LYS B 178 19.12 -13.91 16.45
CA LYS B 178 20.29 -14.78 16.59
C LYS B 178 20.59 -15.05 18.07
N THR B 179 20.05 -14.22 18.96
CA THR B 179 19.99 -14.57 20.37
C THR B 179 18.96 -15.67 20.57
N PRO B 180 19.25 -16.68 21.41
CA PRO B 180 18.27 -17.77 21.60
C PRO B 180 16.91 -17.28 22.05
N ALA B 181 16.86 -16.22 22.86
CA ALA B 181 15.59 -15.75 23.40
C ALA B 181 14.60 -15.38 22.30
N SER B 182 15.08 -14.87 21.17
CA SER B 182 14.15 -14.42 20.14
C SER B 182 13.46 -15.58 19.46
N ALA B 183 14.19 -16.68 19.21
CA ALA B 183 13.56 -17.84 18.59
C ALA B 183 12.56 -18.50 19.52
N GLU B 184 12.90 -18.57 20.82
CA GLU B 184 11.97 -19.11 21.80
C GLU B 184 10.75 -18.23 21.97
N ALA B 185 10.95 -16.91 21.96
CA ALA B 185 9.80 -16.00 22.11
C ALA B 185 8.82 -16.17 20.95
N ALA B 186 9.35 -16.32 19.72
CA ALA B 186 8.47 -16.56 18.57
C ALA B 186 7.64 -17.82 18.79
N ALA B 187 8.29 -18.90 19.23
CA ALA B 187 7.59 -20.15 19.41
C ALA B 187 6.50 -20.04 20.45
N ARG B 188 6.82 -19.39 21.59
CA ARG B 188 5.84 -19.28 22.67
C ARG B 188 4.64 -18.43 22.25
N ALA B 189 4.81 -17.54 21.29
CA ALA B 189 3.70 -16.73 20.82
C ALA B 189 2.93 -17.37 19.68
N GLY B 190 3.40 -18.51 19.18
CA GLY B 190 2.80 -19.15 18.02
C GLY B 190 3.16 -18.50 16.70
N HIS B 191 4.18 -17.65 16.67
CA HIS B 191 4.66 -17.06 15.43
C HIS B 191 5.55 -18.04 14.67
N GLY B 192 5.65 -17.83 13.35
CA GLY B 192 6.68 -18.44 12.55
C GLY B 192 7.97 -17.65 12.63
N VAL B 193 9.00 -18.16 11.94
CA VAL B 193 10.33 -17.54 11.98
C VAL B 193 10.87 -17.43 10.56
N MET B 194 11.69 -16.41 10.35
CA MET B 194 12.38 -16.16 9.09
C MET B 194 13.87 -16.20 9.37
N LEU B 195 14.57 -17.14 8.74
CA LEU B 195 15.97 -17.40 8.99
C LEU B 195 16.77 -17.08 7.74
N VAL B 196 18.08 -16.95 7.91
CA VAL B 196 18.96 -16.46 6.83
C VAL B 196 20.12 -17.43 6.59
N PRO B 197 19.89 -18.53 5.89
CA PRO B 197 20.98 -19.48 5.62
C PRO B 197 22.00 -18.96 4.62
N SER B 198 21.66 -17.94 3.83
CA SER B 198 22.63 -17.52 2.83
C SER B 198 23.81 -16.78 3.43
N ILE B 199 23.70 -16.36 4.70
CA ILE B 199 24.73 -15.59 5.38
C ILE B 199 25.29 -16.32 6.58
N ASN B 200 24.46 -17.05 7.29
CA ASN B 200 24.87 -17.69 8.54
C ASN B 200 25.34 -19.12 8.27
N PRO B 201 26.20 -19.65 9.15
CA PRO B 201 26.62 -21.04 8.99
C PRO B 201 25.43 -21.98 9.12
N ARG B 202 25.53 -23.13 8.43
CA ARG B 202 24.47 -24.12 8.47
C ARG B 202 24.12 -24.50 9.90
N GLU B 203 25.14 -24.59 10.75
CA GLU B 203 24.96 -25.05 12.13
C GLU B 203 24.23 -24.00 12.96
N GLN B 204 24.36 -22.73 12.59
CA GLN B 204 23.61 -21.67 13.28
C GLN B 204 22.12 -21.78 12.96
N VAL B 205 21.79 -21.96 11.68
CA VAL B 205 20.39 -22.17 11.31
C VAL B 205 19.83 -23.38 12.03
N GLN B 206 20.62 -24.46 12.12
CA GLN B 206 20.13 -25.66 12.81
C GLN B 206 19.90 -25.38 14.29
N LYS B 207 20.80 -24.64 14.93
CA LYS B 207 20.59 -24.33 16.33
C LYS B 207 19.33 -23.52 16.54
N THR B 208 19.08 -22.53 15.69
CA THR B 208 17.88 -21.72 15.83
C THR B 208 16.61 -22.56 15.61
N LEU B 209 16.65 -23.48 14.64
CA LEU B 209 15.49 -24.35 14.41
C LEU B 209 15.24 -25.27 15.61
N SER B 210 16.31 -25.80 16.22
CA SER B 210 16.14 -26.65 17.39
C SER B 210 15.51 -25.88 18.53
N LEU B 211 16.01 -24.68 18.80
CA LEU B 211 15.44 -23.84 19.85
C LEU B 211 13.97 -23.56 19.58
N TYR B 212 13.65 -23.21 18.33
CA TYR B 212 12.29 -22.87 17.96
C TYR B 212 11.37 -24.07 18.13
N ARG B 213 11.79 -25.22 17.61
CA ARG B 213 10.94 -26.41 17.67
C ARG B 213 10.75 -26.89 19.10
N ASP B 214 11.80 -26.83 19.92
CA ASP B 214 11.69 -27.28 21.30
C ASP B 214 10.79 -26.38 22.12
N ALA B 215 10.96 -25.06 21.97
CA ALA B 215 10.12 -24.12 22.72
C ALA B 215 8.67 -24.23 22.28
N ALA B 216 8.44 -24.44 20.98
CA ALA B 216 7.08 -24.62 20.49
C ALA B 216 6.44 -25.86 21.13
N SER B 217 7.17 -26.97 21.15
CA SER B 217 6.65 -28.18 21.77
C SER B 217 6.28 -27.94 23.23
N ALA B 218 7.17 -27.26 23.98
CA ALA B 218 6.89 -26.99 25.38
C ALA B 218 5.68 -26.08 25.56
N ALA B 219 5.39 -25.25 24.57
CA ALA B 219 4.26 -24.33 24.63
C ALA B 219 2.96 -24.92 24.08
N GLY B 220 2.98 -26.16 23.59
CA GLY B 220 1.82 -26.75 22.98
C GLY B 220 1.56 -26.30 21.57
N PHE B 221 2.53 -25.67 20.93
CA PHE B 221 2.42 -25.13 19.58
C PHE B 221 3.07 -26.11 18.60
N LYS B 222 2.35 -26.43 17.52
CA LYS B 222 2.85 -27.36 16.51
C LYS B 222 3.17 -26.63 15.21
N PRO B 223 4.39 -26.13 15.02
CA PRO B 223 4.70 -25.43 13.76
C PRO B 223 4.66 -26.35 12.56
N THR B 224 4.25 -25.79 11.43
CA THR B 224 4.24 -26.49 10.15
C THR B 224 5.30 -25.89 9.24
N GLU B 225 5.46 -26.51 8.08
CA GLU B 225 6.49 -26.04 7.16
C GLU B 225 6.21 -24.61 6.69
N GLU B 226 4.96 -24.16 6.75
CA GLU B 226 4.64 -22.78 6.38
C GLU B 226 5.02 -21.77 7.46
N ASP B 227 5.48 -22.22 8.62
CA ASP B 227 5.90 -21.36 9.71
C ASP B 227 7.39 -21.05 9.69
N ILE B 228 8.14 -21.59 8.74
CA ILE B 228 9.60 -21.42 8.71
C ILE B 228 9.94 -20.96 7.29
N HIS B 229 10.44 -19.73 7.16
CA HIS B 229 10.80 -19.14 5.87
C HIS B 229 12.30 -18.89 5.75
N MET B 230 12.86 -19.17 4.57
CA MET B 230 14.23 -18.77 4.22
C MET B 230 14.28 -18.41 2.75
N SER B 231 15.16 -17.47 2.39
N SER B 231 15.15 -17.48 2.39
CA SER B 231 15.32 -17.01 1.01
CA SER B 231 15.30 -17.04 1.00
C SER B 231 16.62 -17.55 0.45
C SER B 231 16.61 -17.55 0.43
N TYR B 232 16.58 -17.93 -0.84
CA TYR B 232 17.78 -18.34 -1.56
C TYR B 232 17.77 -17.69 -2.93
N ASN B 233 18.91 -17.12 -3.34
CA ASN B 233 19.05 -16.73 -4.74
C ASN B 233 18.89 -17.95 -5.64
N CYS B 234 18.17 -17.78 -6.74
CA CYS B 234 17.85 -18.95 -7.56
C CYS B 234 17.96 -18.59 -9.03
N TYR B 235 18.67 -19.44 -9.78
CA TYR B 235 18.84 -19.27 -11.22
C TYR B 235 19.04 -20.65 -11.83
N LEU B 236 18.16 -21.06 -12.72
CA LEU B 236 18.24 -22.37 -13.37
C LEU B 236 18.43 -22.20 -14.86
N ALA B 237 19.29 -23.04 -15.44
CA ALA B 237 19.40 -23.16 -16.88
C ALA B 237 19.84 -24.59 -17.17
N GLU B 238 19.42 -25.11 -18.32
CA GLU B 238 19.78 -26.48 -18.67
C GLU B 238 21.26 -26.58 -19.06
N ASP B 239 21.86 -25.48 -19.52
CA ASP B 239 23.30 -25.38 -19.71
C ASP B 239 23.93 -24.96 -18.38
N GLY B 240 24.70 -25.88 -17.76
CA GLY B 240 25.31 -25.58 -16.46
C GLY B 240 26.27 -24.41 -16.53
N GLN B 241 26.98 -24.24 -17.66
CA GLN B 241 27.84 -23.09 -17.84
C GLN B 241 27.04 -21.79 -17.81
N GLU B 242 25.91 -21.74 -18.51
CA GLU B 242 25.10 -20.53 -18.52
C GLU B 242 24.54 -20.24 -17.13
N ALA B 243 24.14 -21.30 -16.42
CA ALA B 243 23.60 -21.09 -15.08
C ALA B 243 24.65 -20.49 -14.16
N ARG B 244 25.89 -21.02 -14.20
CA ARG B 244 26.94 -20.50 -13.33
C ARG B 244 27.31 -19.07 -13.70
N GLN B 245 27.39 -18.77 -14.99
CA GLN B 245 27.81 -17.43 -15.39
C GLN B 245 26.74 -16.39 -15.07
N LYS B 246 25.51 -16.63 -15.52
CA LYS B 246 24.47 -15.63 -15.34
C LYS B 246 23.90 -15.65 -13.92
N GLY B 247 23.71 -16.84 -13.35
CA GLY B 247 23.34 -16.92 -11.95
C GLY B 247 24.41 -16.36 -11.05
N GLY B 248 25.69 -16.59 -11.41
CA GLY B 248 26.78 -16.00 -10.66
C GLY B 248 26.79 -14.49 -10.73
N GLN B 249 26.62 -13.94 -11.94
CA GLN B 249 26.53 -12.49 -12.05
C GLN B 249 25.37 -11.96 -11.21
N ALA B 250 24.23 -12.64 -11.23
CA ALA B 250 23.08 -12.19 -10.45
C ALA B 250 23.39 -12.15 -8.96
N SER B 251 24.03 -13.21 -8.43
CA SER B 251 24.31 -13.25 -7.00
C SER B 251 25.39 -12.27 -6.61
N GLU B 252 26.45 -12.17 -7.43
CA GLU B 252 27.52 -11.22 -7.15
C GLU B 252 27.00 -9.79 -7.17
N ARG B 253 26.09 -9.48 -8.10
CA ARG B 253 25.50 -8.15 -8.18
C ARG B 253 24.68 -7.83 -6.92
N ALA B 254 23.90 -8.80 -6.44
CA ALA B 254 23.13 -8.60 -5.22
C ALA B 254 24.04 -8.40 -4.01
N ASN B 255 25.15 -9.14 -3.97
CA ASN B 255 26.08 -9.02 -2.84
C ASN B 255 26.80 -7.68 -2.88
N ARG B 256 27.11 -7.17 -4.07
CA ARG B 256 27.70 -5.83 -4.19
C ARG B 256 26.72 -4.77 -3.67
N ALA B 257 25.44 -4.92 -4.00
CA ALA B 257 24.43 -3.99 -3.49
C ALA B 257 24.40 -3.99 -1.97
N LEU B 258 24.39 -5.18 -1.38
CA LEU B 258 24.37 -5.29 0.08
C LEU B 258 25.62 -4.66 0.69
N ALA B 259 26.79 -4.94 0.11
CA ALA B 259 28.03 -4.40 0.64
C ALA B 259 28.06 -2.88 0.58
N SER B 260 27.55 -2.31 -0.51
CA SER B 260 27.47 -0.86 -0.60
C SER B 260 26.49 -0.31 0.44
N ALA B 261 25.37 -0.99 0.65
CA ALA B 261 24.34 -0.48 1.56
C ALA B 261 24.83 -0.44 3.00
N VAL B 262 25.63 -1.44 3.42
CA VAL B 262 26.04 -1.52 4.83
C VAL B 262 27.27 -0.69 5.14
N SER B 263 27.86 -0.03 4.15
CA SER B 263 29.07 0.74 4.39
C SER B 263 28.83 2.24 4.27
N GLY B 286 36.18 -16.44 -5.78
CA GLY B 286 35.47 -17.72 -5.76
C GLY B 286 34.33 -17.79 -4.76
N ASP B 287 33.90 -16.64 -4.26
CA ASP B 287 32.85 -16.62 -3.23
C ASP B 287 31.54 -17.19 -3.74
N PHE B 288 31.18 -16.92 -5.00
CA PHE B 288 29.92 -17.44 -5.50
C PHE B 288 29.97 -18.95 -5.62
N ASP B 289 31.07 -19.49 -6.16
CA ASP B 289 31.23 -20.94 -6.24
C ASP B 289 31.11 -21.58 -4.87
N ARG B 290 31.71 -20.95 -3.86
CA ARG B 290 31.63 -21.48 -2.51
C ARG B 290 30.18 -21.46 -2.01
N ALA B 291 29.44 -20.39 -2.32
CA ALA B 291 28.06 -20.31 -1.88
C ALA B 291 27.24 -21.44 -2.48
N VAL B 292 27.45 -21.72 -3.76
CA VAL B 292 26.69 -22.79 -4.40
C VAL B 292 27.07 -24.13 -3.78
N ALA B 293 28.38 -24.37 -3.59
CA ALA B 293 28.83 -25.64 -3.04
C ALA B 293 28.30 -25.86 -1.63
N GLU B 294 28.17 -24.78 -0.83
CA GLU B 294 27.64 -24.86 0.53
C GLU B 294 26.13 -24.77 0.58
N ARG B 295 25.49 -24.73 -0.60
CA ARG B 295 24.03 -24.72 -0.72
C ARG B 295 23.44 -23.46 -0.09
N LYS B 296 24.16 -22.35 -0.26
CA LYS B 296 23.66 -21.06 0.19
C LYS B 296 23.05 -20.25 -0.94
N ALA B 297 23.09 -20.77 -2.16
CA ALA B 297 22.39 -20.23 -3.32
C ALA B 297 22.00 -21.43 -4.18
N LEU B 298 20.85 -21.33 -4.82
CA LEU B 298 20.27 -22.42 -5.61
C LEU B 298 20.44 -22.10 -7.10
N VAL B 299 21.66 -22.29 -7.61
CA VAL B 299 22.01 -21.94 -8.98
C VAL B 299 22.63 -23.16 -9.64
N GLY B 300 22.13 -23.53 -10.81
CA GLY B 300 22.70 -24.63 -11.56
C GLY B 300 21.69 -25.22 -12.51
N THR B 301 22.03 -26.39 -13.05
CA THR B 301 21.06 -27.15 -13.80
C THR B 301 19.94 -27.63 -12.89
N PRO B 302 18.79 -28.01 -13.46
CA PRO B 302 17.72 -28.57 -12.60
C PRO B 302 18.19 -29.75 -11.76
N ASP B 303 19.02 -30.63 -12.31
CA ASP B 303 19.49 -31.77 -11.55
C ASP B 303 20.44 -31.33 -10.42
N GLU B 304 21.29 -30.33 -10.68
CA GLU B 304 22.17 -29.80 -9.65
C GLU B 304 21.38 -29.16 -8.52
N VAL B 305 20.34 -28.39 -8.85
CA VAL B 305 19.57 -27.73 -7.81
C VAL B 305 18.73 -28.74 -7.03
N ARG B 306 18.27 -29.80 -7.69
CA ARG B 306 17.57 -30.87 -6.99
C ARG B 306 18.44 -31.47 -5.90
N ALA B 307 19.69 -31.78 -6.23
CA ALA B 307 20.64 -32.28 -5.24
C ALA B 307 20.82 -31.27 -4.11
N ALA B 308 20.87 -29.98 -4.45
CA ALA B 308 21.08 -28.96 -3.43
C ALA B 308 19.88 -28.92 -2.47
N ILE B 309 18.67 -28.94 -3.01
CA ILE B 309 17.49 -28.88 -2.15
C ILE B 309 17.39 -30.13 -1.28
N ASP B 310 17.71 -31.30 -1.84
CA ASP B 310 17.68 -32.51 -1.03
C ASP B 310 18.64 -32.41 0.15
N ASP B 311 19.81 -31.81 -0.05
CA ASP B 311 20.74 -31.57 1.06
C ASP B 311 20.11 -30.67 2.12
N ILE B 312 19.58 -29.54 1.68
CA ILE B 312 19.00 -28.53 2.59
C ILE B 312 17.87 -29.14 3.39
N ARG B 313 17.01 -29.92 2.75
CA ARG B 313 15.90 -30.55 3.46
C ARG B 313 16.42 -31.53 4.51
N GLY B 314 17.51 -32.23 4.19
CA GLY B 314 18.13 -33.09 5.20
C GLY B 314 18.69 -32.32 6.38
N TRP B 315 19.19 -31.11 6.15
CA TRP B 315 19.78 -30.32 7.23
C TRP B 315 18.74 -29.69 8.13
N PHE B 316 17.66 -29.17 7.53
CA PHE B 316 16.74 -28.28 8.21
C PHE B 316 15.33 -28.84 8.40
N GLY B 317 14.99 -29.93 7.73
CA GLY B 317 13.61 -30.40 7.70
C GLY B 317 12.80 -29.72 6.61
N ASP B 318 11.48 -29.89 6.68
CA ASP B 318 10.61 -29.26 5.69
C ASP B 318 10.30 -27.83 6.10
N PHE B 319 10.44 -26.90 5.17
CA PHE B 319 10.13 -25.50 5.44
C PHE B 319 9.80 -24.83 4.11
N THR B 320 9.59 -23.51 4.15
CA THR B 320 9.19 -22.72 3.00
C THR B 320 10.38 -21.92 2.48
N ILE B 321 10.73 -22.12 1.20
CA ILE B 321 11.82 -21.39 0.55
C ILE B 321 11.21 -20.32 -0.35
N SER B 322 11.75 -19.10 -0.28
CA SER B 322 11.47 -18.08 -1.30
C SER B 322 12.63 -18.02 -2.26
N LEU B 323 12.34 -18.25 -3.53
CA LEU B 323 13.34 -18.27 -4.60
C LEU B 323 13.51 -16.86 -5.15
N GLN B 324 14.68 -16.26 -4.90
CA GLN B 324 14.97 -14.90 -5.35
C GLN B 324 15.44 -14.99 -6.81
N VAL B 325 14.56 -14.65 -7.76
CA VAL B 325 14.76 -14.97 -9.17
C VAL B 325 15.14 -13.76 -10.01
N ILE B 326 15.24 -12.57 -9.42
CA ILE B 326 15.59 -11.34 -10.12
C ILE B 326 16.87 -10.77 -9.55
N SER B 327 17.63 -10.06 -10.39
CA SER B 327 18.78 -9.28 -9.95
C SER B 327 19.27 -8.36 -11.07
N GLY B 328 19.41 -7.07 -10.77
CA GLY B 328 20.05 -6.18 -11.73
C GLY B 328 19.34 -6.15 -13.07
N ALA B 329 20.10 -6.23 -14.15
CA ALA B 329 19.55 -6.14 -15.50
C ALA B 329 19.17 -7.49 -16.09
N MET B 330 19.11 -8.55 -15.28
CA MET B 330 18.67 -9.84 -15.78
C MET B 330 17.34 -9.67 -16.51
N PRO B 331 17.20 -10.17 -17.74
CA PRO B 331 15.92 -10.00 -18.45
C PRO B 331 14.81 -10.78 -17.78
N PHE B 332 13.59 -10.24 -17.88
CA PHE B 332 12.43 -10.98 -17.39
C PHE B 332 12.45 -12.43 -17.89
N GLU B 333 12.76 -12.64 -19.16
CA GLU B 333 12.60 -13.99 -19.70
C GLU B 333 13.57 -14.99 -19.06
N GLU B 334 14.70 -14.52 -18.52
CA GLU B 334 15.56 -15.45 -17.80
C GLU B 334 14.99 -15.75 -16.41
N SER B 335 14.42 -14.75 -15.73
CA SER B 335 13.71 -15.04 -14.48
C SER B 335 12.56 -16.01 -14.73
N ALA B 336 11.80 -15.80 -15.80
CA ALA B 336 10.70 -16.68 -16.14
C ALA B 336 11.19 -18.08 -16.46
N ARG B 337 12.33 -18.20 -17.15
CA ARG B 337 12.87 -19.51 -17.48
C ARG B 337 13.26 -20.27 -16.21
N THR B 338 13.92 -19.60 -15.26
CA THR B 338 14.23 -20.22 -13.97
C THR B 338 12.97 -20.78 -13.34
N MET B 339 11.90 -19.99 -13.34
CA MET B 339 10.65 -20.42 -12.72
C MET B 339 10.02 -21.60 -13.47
N ARG B 340 10.03 -21.55 -14.80
CA ARG B 340 9.43 -22.65 -15.57
C ARG B 340 10.21 -23.94 -15.38
N LEU B 341 11.55 -23.86 -15.42
CA LEU B 341 12.36 -25.05 -15.19
C LEU B 341 12.15 -25.60 -13.79
N PHE B 342 12.06 -24.71 -12.80
CA PHE B 342 11.79 -25.17 -11.43
C PHE B 342 10.44 -25.85 -11.34
N ALA B 343 9.41 -25.26 -11.96
CA ALA B 343 8.07 -25.86 -11.88
C ALA B 343 8.01 -27.21 -12.57
N GLU B 344 8.71 -27.34 -13.70
CA GLU B 344 8.64 -28.58 -14.46
C GLU B 344 9.42 -29.70 -13.79
N HIS B 345 10.61 -29.39 -13.26
CA HIS B 345 11.56 -30.42 -12.86
C HIS B 345 11.71 -30.61 -11.36
N LEU B 346 11.34 -29.63 -10.56
CA LEU B 346 11.58 -29.70 -9.11
C LEU B 346 10.31 -29.67 -8.31
N LEU B 347 9.37 -28.78 -8.63
CA LEU B 347 8.10 -28.73 -7.90
C LEU B 347 7.41 -30.08 -7.74
N PRO B 348 7.37 -30.97 -8.73
CA PRO B 348 6.66 -32.24 -8.52
C PRO B 348 7.35 -33.15 -7.52
N HIS B 349 8.67 -33.12 -7.43
CA HIS B 349 9.42 -34.00 -6.53
C HIS B 349 9.18 -33.69 -5.05
N TYR B 350 8.60 -32.54 -4.73
CA TYR B 350 8.32 -32.17 -3.36
C TYR B 350 6.82 -32.06 -3.09
N ALA B 351 5.98 -32.45 -4.04
CA ALA B 351 4.53 -32.34 -3.94
C ALA B 351 3.90 -33.63 -3.41
#